data_8D3E
#
_entry.id   8D3E
#
_cell.length_a   90.786
_cell.length_b   114.330
_cell.length_c   120.066
_cell.angle_alpha   90.000
_cell.angle_beta   90.000
_cell.angle_gamma   90.000
#
_symmetry.space_group_name_H-M   'P 21 21 21'
#
loop_
_entity.id
_entity.type
_entity.pdbx_description
1 polymer 'Apoptosis-inducing factor 1, mitochondrial'
2 non-polymer 'FLAVIN-ADENINE DINUCLEOTIDE'
3 non-polymer 6-fluoroquinolin-4-amine
4 non-polymer 1,2-ETHANEDIOL
5 non-polymer 'CHLORIDE ION'
6 water water
#
_entity_poly.entity_id   1
_entity_poly.type   'polypeptide(L)'
_entity_poly.pdbx_seq_one_letter_code
;MVGAGAYAYKTMKEDEKRYNERISGLGLTPEQKQKKAALSASEGEEVPQDKAPSHVPFLLIGGGTAAFAAARSIRARDPG
ARVLIVSEDPELPYMRPPLSKELWFSDDPNVTKTLRFKQANGKERSIYFQPPSFYVSAQDLPHIENGGVAVLTGKKVVQL
DVRDNMVKLNDGSQITYEKCLIATGGTPRSLSAIDRAGAEVKSRTTLFRKIGDFRSLEKISREVKSITIIGGGFLGSELA
CALGRKARALGTEVIQLFPEKGNMGKILPEYLSNWTMEKVRREGVKVMPNAIVQSVGVSSGKLLIKLKDGRKVETDHIVA
AVGLEPNVELAKTGGLEIDSDFGGFRVNAELQARSNIWVAGDAACFYDIKLGRRRVEHHDHAVVSGRLAGENMTGAAKPY
WHQSMFWSDLGPDVGYEAIGLVDSSLPTVGVFAKATAQDNPKSATEQSGTGIRSESETESEASEITIPPSTPAVPQAPVQ
GEDYGKGVIFYLRDKVVVGIVLWNIFNRMPIARKIIKDGEQHEDLNEVAKLFNIHEDLEVLFQ
;
_entity_poly.pdbx_strand_id   A,B
#
loop_
_chem_comp.id
_chem_comp.type
_chem_comp.name
_chem_comp.formula
CL non-polymer 'CHLORIDE ION' 'Cl -1'
EDO non-polymer 1,2-ETHANEDIOL 'C2 H6 O2'
FAD non-polymer 'FLAVIN-ADENINE DINUCLEOTIDE' 'C27 H33 N9 O15 P2'
QDI non-polymer 6-fluoroquinolin-4-amine 'C9 H7 F N2'
#
# COMPACT_ATOMS: atom_id res chain seq x y z
N ALA A 52 30.87 -5.78 16.44
CA ALA A 52 29.90 -5.93 15.36
C ALA A 52 30.61 -6.21 14.04
N PRO A 53 30.19 -7.24 13.30
CA PRO A 53 30.77 -7.49 11.99
C PRO A 53 30.46 -6.36 11.02
N SER A 54 31.36 -6.15 10.07
CA SER A 54 31.13 -5.11 9.07
C SER A 54 30.07 -5.54 8.07
N HIS A 55 29.93 -6.84 7.82
CA HIS A 55 28.96 -7.37 6.88
C HIS A 55 28.39 -8.68 7.40
N VAL A 56 27.11 -8.90 7.15
CA VAL A 56 26.44 -10.14 7.53
C VAL A 56 25.41 -10.48 6.46
N PRO A 57 25.26 -11.75 6.06
CA PRO A 57 24.24 -12.06 5.04
C PRO A 57 22.82 -11.72 5.47
N PHE A 58 22.43 -12.12 6.68
CA PHE A 58 21.08 -11.91 7.19
C PHE A 58 21.14 -11.01 8.41
N LEU A 59 20.54 -9.83 8.30
CA LEU A 59 20.46 -8.87 9.40
C LEU A 59 19.02 -8.77 9.84
N LEU A 60 18.76 -9.01 11.13
CA LEU A 60 17.43 -8.87 11.71
C LEU A 60 17.45 -7.72 12.70
N ILE A 61 16.62 -6.71 12.45
CA ILE A 61 16.58 -5.51 13.28
C ILE A 61 15.49 -5.70 14.32
N GLY A 62 15.88 -5.77 15.58
CA GLY A 62 14.97 -6.06 16.68
C GLY A 62 15.20 -7.48 17.15
N GLY A 63 15.18 -7.67 18.47
CA GLY A 63 15.50 -8.96 19.04
C GLY A 63 14.33 -9.59 19.79
N GLY A 64 13.15 -9.56 19.20
CA GLY A 64 11.96 -10.11 19.83
C GLY A 64 11.50 -11.42 19.23
N THR A 65 10.20 -11.66 19.30
CA THR A 65 9.66 -12.95 18.87
C THR A 65 9.80 -13.14 17.36
N ALA A 66 9.46 -12.11 16.58
CA ALA A 66 9.54 -12.23 15.13
C ALA A 66 10.97 -12.45 14.67
N ALA A 67 11.93 -11.74 15.26
CA ALA A 67 13.32 -11.91 14.88
C ALA A 67 13.81 -13.32 15.16
N PHE A 68 13.55 -13.84 16.35
CA PHE A 68 14.02 -15.18 16.69
C PHE A 68 13.42 -16.22 15.75
N ALA A 69 12.11 -16.13 15.50
CA ALA A 69 11.45 -17.08 14.61
C ALA A 69 12.03 -17.00 13.21
N ALA A 70 12.38 -15.79 12.75
CA ALA A 70 13.00 -15.67 11.45
C ALA A 70 14.38 -16.30 11.43
N ALA A 71 15.17 -16.10 12.49
CA ALA A 71 16.50 -16.69 12.56
C ALA A 71 16.42 -18.21 12.51
N ARG A 72 15.51 -18.79 13.30
CA ARG A 72 15.33 -20.24 13.26
C ARG A 72 14.90 -20.69 11.88
N SER A 73 13.99 -19.94 11.24
CA SER A 73 13.51 -20.32 9.91
C SER A 73 14.63 -20.24 8.89
N ILE A 74 15.42 -19.16 8.92
CA ILE A 74 16.54 -19.02 7.99
C ILE A 74 17.53 -20.16 8.18
N ARG A 75 17.86 -20.48 9.42
CA ARG A 75 18.83 -21.54 9.69
C ARG A 75 18.31 -22.90 9.24
N ALA A 76 17.00 -23.13 9.36
CA ALA A 76 16.45 -24.42 8.95
C ALA A 76 16.50 -24.60 7.43
N ARG A 77 16.37 -23.52 6.67
CA ARG A 77 16.37 -23.61 5.22
C ARG A 77 17.76 -23.43 4.61
N ASP A 78 18.65 -22.73 5.29
CA ASP A 78 20.04 -22.55 4.85
C ASP A 78 20.92 -22.95 6.03
N PRO A 79 21.22 -24.24 6.18
CA PRO A 79 21.89 -24.71 7.41
C PRO A 79 23.21 -24.01 7.72
N GLY A 80 23.87 -23.40 6.74
CA GLY A 80 25.11 -22.68 7.00
C GLY A 80 24.93 -21.20 7.15
N ALA A 81 23.68 -20.75 7.34
CA ALA A 81 23.38 -19.32 7.34
C ALA A 81 24.04 -18.62 8.53
N ARG A 82 24.47 -17.40 8.30
CA ARG A 82 25.04 -16.53 9.33
C ARG A 82 24.05 -15.39 9.55
N VAL A 83 23.41 -15.38 10.71
CA VAL A 83 22.31 -14.46 11.02
C VAL A 83 22.74 -13.59 12.19
N LEU A 84 22.61 -12.27 12.04
CA LEU A 84 22.87 -11.32 13.10
C LEU A 84 21.58 -10.65 13.51
N ILE A 85 21.27 -10.70 14.80
CA ILE A 85 20.17 -9.97 15.39
C ILE A 85 20.74 -8.77 16.13
N VAL A 86 20.21 -7.58 15.85
CA VAL A 86 20.58 -6.36 16.55
C VAL A 86 19.40 -5.97 17.43
N SER A 87 19.65 -5.90 18.75
CA SER A 87 18.60 -5.70 19.74
C SER A 87 18.98 -4.54 20.64
N GLU A 88 18.12 -3.52 20.70
CA GLU A 88 18.39 -2.39 21.58
C GLU A 88 18.25 -2.78 23.05
N ASP A 89 17.46 -3.81 23.34
CA ASP A 89 17.35 -4.28 24.72
C ASP A 89 18.62 -5.02 25.12
N PRO A 90 18.93 -5.04 26.42
CA PRO A 90 20.10 -5.81 26.88
C PRO A 90 19.85 -7.30 27.01
N GLU A 91 18.60 -7.74 26.87
CA GLU A 91 18.25 -9.14 27.06
C GLU A 91 18.25 -9.88 25.73
N LEU A 92 18.56 -11.18 25.80
CA LEU A 92 18.41 -12.03 24.63
C LEU A 92 16.94 -12.24 24.31
N PRO A 93 16.62 -12.69 23.10
CA PRO A 93 15.21 -12.82 22.72
C PRO A 93 14.42 -13.65 23.71
N TYR A 94 13.22 -13.16 24.05
CA TYR A 94 12.35 -13.85 24.99
C TYR A 94 10.90 -13.55 24.64
N MET A 95 10.02 -14.46 25.09
CA MET A 95 8.59 -14.29 24.90
C MET A 95 8.01 -13.45 26.01
N ARG A 96 6.99 -12.66 25.66
CA ARG A 96 6.39 -11.68 26.57
C ARG A 96 5.14 -12.16 27.29
N PRO A 97 4.33 -13.06 26.73
CA PRO A 97 3.06 -13.42 27.37
C PRO A 97 3.22 -13.79 28.84
N PRO A 98 4.28 -14.53 29.22
CA PRO A 98 4.43 -14.86 30.64
C PRO A 98 4.59 -13.64 31.54
N LEU A 99 5.01 -12.49 30.98
CA LEU A 99 5.21 -11.30 31.80
C LEU A 99 3.92 -10.79 32.42
N SER A 100 2.77 -11.14 31.86
CA SER A 100 1.48 -10.71 32.40
C SER A 100 0.66 -11.89 32.92
N LYS A 101 1.24 -13.09 32.97
CA LYS A 101 0.48 -14.28 33.36
C LYS A 101 1.31 -15.23 34.22
N GLU A 102 1.98 -16.20 33.58
CA GLU A 102 2.56 -17.31 34.32
C GLU A 102 3.55 -16.85 35.38
N LEU A 103 4.34 -15.81 35.10
CA LEU A 103 5.33 -15.37 36.06
C LEU A 103 4.71 -14.80 37.33
N TRP A 104 3.45 -14.35 37.26
CA TRP A 104 2.77 -13.84 38.45
C TRP A 104 2.13 -14.95 39.28
N PHE A 105 1.86 -16.11 38.70
CA PHE A 105 1.23 -17.22 39.41
C PHE A 105 2.23 -18.31 39.79
N SER A 106 3.52 -18.00 39.75
CA SER A 106 4.53 -18.98 40.11
C SER A 106 4.57 -19.19 41.62
N ASP A 107 4.88 -20.42 42.03
CA ASP A 107 5.07 -20.72 43.44
C ASP A 107 6.46 -20.34 43.93
N ASP A 108 7.44 -20.28 43.03
CA ASP A 108 8.80 -19.94 43.41
C ASP A 108 8.93 -18.45 43.74
N PRO A 109 9.34 -18.08 44.95
CA PRO A 109 9.51 -16.65 45.26
C PRO A 109 10.69 -16.01 44.56
N ASN A 110 11.55 -16.81 43.91
CA ASN A 110 12.68 -16.29 43.15
C ASN A 110 12.35 -16.18 41.66
N VAL A 111 11.06 -16.18 41.30
CA VAL A 111 10.69 -16.15 39.89
C VAL A 111 11.17 -14.87 39.24
N THR A 112 11.26 -13.78 40.00
CA THR A 112 11.76 -12.53 39.46
C THR A 112 13.22 -12.64 39.02
N LYS A 113 13.97 -13.58 39.58
CA LYS A 113 15.36 -13.78 39.20
C LYS A 113 15.50 -14.86 38.13
N THR A 114 14.80 -15.98 38.29
CA THR A 114 14.94 -17.10 37.37
C THR A 114 14.22 -16.85 36.05
N LEU A 115 13.09 -16.15 36.08
CA LEU A 115 12.24 -15.94 34.90
C LEU A 115 11.84 -17.28 34.29
N ARG A 116 11.58 -18.26 35.16
CA ARG A 116 11.09 -19.57 34.75
C ARG A 116 9.67 -19.75 35.24
N PHE A 117 8.90 -20.57 34.52
CA PHE A 117 7.50 -20.79 34.81
C PHE A 117 7.10 -22.17 34.33
N LYS A 118 6.01 -22.67 34.92
CA LYS A 118 5.43 -23.95 34.51
C LYS A 118 4.38 -23.70 33.43
N GLN A 119 4.45 -24.48 32.36
CA GLN A 119 3.49 -24.37 31.27
C GLN A 119 2.21 -25.12 31.61
N ALA A 120 1.22 -25.02 30.72
CA ALA A 120 0.00 -25.81 30.89
C ALA A 120 0.32 -27.30 30.91
N ASN A 121 1.27 -27.73 30.07
CA ASN A 121 1.70 -29.12 30.09
C ASN A 121 2.33 -29.51 31.42
N GLY A 122 2.74 -28.52 32.23
CA GLY A 122 3.38 -28.78 33.50
C GLY A 122 4.89 -28.75 33.47
N LYS A 123 5.49 -28.67 32.28
CA LYS A 123 6.94 -28.63 32.16
C LYS A 123 7.43 -27.20 32.39
N GLU A 124 8.45 -27.06 33.24
CA GLU A 124 9.03 -25.75 33.53
C GLU A 124 9.92 -25.32 32.38
N ARG A 125 9.92 -24.02 32.09
CA ARG A 125 10.77 -23.48 31.04
C ARG A 125 11.11 -22.03 31.36
N SER A 126 12.02 -21.48 30.57
CA SER A 126 12.42 -20.09 30.66
C SER A 126 11.61 -19.24 29.69
N ILE A 127 11.52 -17.94 30.01
CA ILE A 127 10.91 -17.01 29.06
C ILE A 127 11.81 -16.88 27.84
N TYR A 128 13.11 -17.05 28.01
CA TYR A 128 14.04 -16.95 26.89
C TYR A 128 13.79 -18.09 25.91
N PHE A 129 13.83 -17.76 24.62
CA PHE A 129 13.58 -18.77 23.59
C PHE A 129 14.64 -19.86 23.61
N GLN A 130 15.89 -19.50 23.87
CA GLN A 130 17.00 -20.44 23.89
C GLN A 130 18.00 -19.99 24.93
N PRO A 131 18.81 -20.90 25.46
CA PRO A 131 19.87 -20.51 26.39
C PRO A 131 20.97 -19.77 25.65
N PRO A 132 21.79 -18.99 26.36
CA PRO A 132 22.87 -18.26 25.68
C PRO A 132 23.79 -19.15 24.86
N SER A 133 24.04 -20.38 25.30
CA SER A 133 24.95 -21.26 24.58
C SER A 133 24.44 -21.59 23.19
N PHE A 134 23.15 -21.39 22.92
CA PHE A 134 22.60 -21.66 21.59
C PHE A 134 23.09 -20.65 20.56
N TYR A 135 23.47 -19.45 21.01
CA TYR A 135 23.90 -18.40 20.11
C TYR A 135 25.42 -18.43 19.96
N VAL A 136 25.89 -17.81 18.89
CA VAL A 136 27.32 -17.57 18.71
C VAL A 136 27.57 -16.08 18.89
N SER A 137 28.81 -15.74 19.19
CA SER A 137 29.17 -14.35 19.38
C SER A 137 29.24 -13.64 18.04
N ALA A 138 28.94 -12.34 18.07
CA ALA A 138 29.00 -11.54 16.86
C ALA A 138 30.43 -11.51 16.29
N GLN A 139 31.44 -11.60 17.16
CA GLN A 139 32.82 -11.59 16.69
C GLN A 139 33.13 -12.85 15.89
N ASP A 140 32.64 -14.01 16.35
CA ASP A 140 32.91 -15.27 15.68
C ASP A 140 31.92 -15.56 14.55
N LEU A 141 30.84 -14.81 14.44
CA LEU A 141 29.82 -15.08 13.42
C LEU A 141 30.40 -15.18 12.01
N PRO A 142 31.25 -14.26 11.55
CA PRO A 142 31.78 -14.36 10.18
C PRO A 142 32.85 -15.42 9.99
N HIS A 143 33.30 -16.09 11.05
CA HIS A 143 34.35 -17.09 10.94
C HIS A 143 33.92 -18.49 11.31
N ILE A 144 32.95 -18.65 12.20
CA ILE A 144 32.62 -19.97 12.73
C ILE A 144 32.15 -20.88 11.61
N GLU A 145 32.58 -22.14 11.66
CA GLU A 145 32.16 -23.12 10.66
C GLU A 145 30.66 -23.36 10.76
N ASN A 146 30.01 -23.43 9.59
CA ASN A 146 28.57 -23.66 9.48
C ASN A 146 27.76 -22.51 10.07
N GLY A 147 28.37 -21.34 10.26
CA GLY A 147 27.65 -20.17 10.68
C GLY A 147 26.91 -20.36 12.00
N GLY A 148 25.86 -19.56 12.17
CA GLY A 148 25.07 -19.60 13.38
C GLY A 148 24.24 -18.34 13.51
N VAL A 149 23.74 -18.12 14.72
CA VAL A 149 22.91 -16.97 15.05
C VAL A 149 23.57 -16.22 16.19
N ALA A 150 23.85 -14.94 15.97
CA ALA A 150 24.41 -14.06 16.99
C ALA A 150 23.44 -12.93 17.28
N VAL A 151 23.48 -12.44 18.51
CA VAL A 151 22.63 -11.34 18.96
C VAL A 151 23.53 -10.26 19.52
N LEU A 152 23.46 -9.08 18.93
CA LEU A 152 24.19 -7.90 19.38
C LEU A 152 23.26 -7.11 20.29
N THR A 153 23.37 -7.32 21.60
CA THR A 153 22.47 -6.70 22.56
C THR A 153 22.93 -5.29 22.89
N GLY A 154 21.99 -4.49 23.42
CA GLY A 154 22.30 -3.14 23.81
C GLY A 154 22.70 -2.23 22.67
N LYS A 155 22.31 -2.56 21.44
CA LYS A 155 22.61 -1.75 20.27
C LYS A 155 21.33 -1.49 19.50
N LYS A 156 21.16 -0.24 19.07
CA LYS A 156 19.98 0.18 18.32
C LYS A 156 20.38 0.59 16.92
N VAL A 157 19.66 0.09 15.92
CA VAL A 157 19.78 0.61 14.56
C VAL A 157 19.05 1.94 14.50
N VAL A 158 19.80 3.00 14.17
CA VAL A 158 19.25 4.35 14.14
C VAL A 158 19.15 4.92 12.74
N GLN A 159 19.73 4.27 11.74
CA GLN A 159 19.64 4.72 10.36
C GLN A 159 19.65 3.51 9.44
N LEU A 160 18.82 3.56 8.40
CA LEU A 160 18.72 2.51 7.41
C LEU A 160 18.97 3.11 6.03
N ASP A 161 20.02 2.64 5.37
CA ASP A 161 20.39 3.11 4.03
C ASP A 161 20.04 1.99 3.06
N VAL A 162 18.83 2.08 2.47
CA VAL A 162 18.33 1.01 1.62
C VAL A 162 19.20 0.87 0.38
N ARG A 163 19.61 2.00 -0.22
CA ARG A 163 20.37 1.94 -1.46
C ARG A 163 21.67 1.16 -1.27
N ASP A 164 22.35 1.37 -0.15
CA ASP A 164 23.65 0.75 0.10
C ASP A 164 23.56 -0.51 0.94
N ASN A 165 22.35 -0.98 1.25
CA ASN A 165 22.16 -2.17 2.08
C ASN A 165 22.99 -2.07 3.36
N MET A 166 22.80 -0.98 4.09
CA MET A 166 23.64 -0.66 5.23
C MET A 166 22.79 -0.09 6.36
N VAL A 167 23.14 -0.45 7.59
CA VAL A 167 22.53 0.12 8.78
C VAL A 167 23.63 0.81 9.58
N LYS A 168 23.21 1.77 10.41
CA LYS A 168 24.10 2.47 11.32
C LYS A 168 23.55 2.32 12.73
N LEU A 169 24.40 1.93 13.65
CA LEU A 169 24.00 1.72 15.04
C LEU A 169 24.15 3.01 15.83
N ASN A 170 23.63 2.99 17.06
CA ASN A 170 23.70 4.18 17.92
C ASN A 170 25.13 4.53 18.31
N ASP A 171 26.06 3.59 18.18
CA ASP A 171 27.46 3.82 18.51
C ASP A 171 28.31 4.16 17.30
N GLY A 172 27.68 4.40 16.15
CA GLY A 172 28.39 4.76 14.93
C GLY A 172 28.80 3.58 14.07
N SER A 173 28.67 2.35 14.58
CA SER A 173 29.01 1.18 13.77
C SER A 173 28.13 1.09 12.55
N GLN A 174 28.69 0.62 11.45
CA GLN A 174 27.97 0.40 10.20
C GLN A 174 28.04 -1.07 9.84
N ILE A 175 26.92 -1.63 9.41
CA ILE A 175 26.81 -3.04 9.05
C ILE A 175 26.09 -3.13 7.72
N THR A 176 26.74 -3.75 6.73
CA THR A 176 26.10 -4.05 5.47
C THR A 176 25.43 -5.42 5.54
N TYR A 177 24.39 -5.60 4.73
CA TYR A 177 23.65 -6.85 4.72
C TYR A 177 23.32 -7.25 3.29
N GLU A 178 23.00 -8.52 3.12
CA GLU A 178 22.43 -9.03 1.88
C GLU A 178 20.92 -9.12 1.93
N LYS A 179 20.35 -9.44 3.08
CA LYS A 179 18.91 -9.47 3.26
C LYS A 179 18.59 -9.04 4.69
N CYS A 180 17.56 -8.23 4.83
CA CYS A 180 17.26 -7.56 6.09
C CYS A 180 15.81 -7.80 6.49
N LEU A 181 15.60 -8.05 7.78
CA LEU A 181 14.27 -8.15 8.36
C LEU A 181 14.10 -7.04 9.38
N ILE A 182 13.06 -6.23 9.22
CA ILE A 182 12.68 -5.24 10.22
C ILE A 182 11.65 -5.90 11.12
N ALA A 183 12.01 -6.12 12.39
CA ALA A 183 11.13 -6.71 13.38
C ALA A 183 11.23 -5.91 14.68
N THR A 184 10.93 -4.62 14.56
CA THR A 184 11.11 -3.67 15.65
C THR A 184 9.93 -3.61 16.62
N GLY A 185 8.86 -4.36 16.35
CA GLY A 185 7.73 -4.37 17.26
C GLY A 185 7.12 -3.00 17.44
N GLY A 186 6.71 -2.70 18.67
CA GLY A 186 6.10 -1.42 18.97
C GLY A 186 6.42 -0.96 20.38
N THR A 187 6.05 0.28 20.66
CA THR A 187 6.23 0.90 21.96
C THR A 187 4.87 1.18 22.60
N PRO A 188 4.72 0.96 23.91
CA PRO A 188 3.40 1.19 24.52
C PRO A 188 3.01 2.66 24.42
N ARG A 189 1.75 2.90 24.09
CA ARG A 189 1.24 4.25 24.08
C ARG A 189 1.06 4.77 25.51
N SER A 190 1.02 6.09 25.65
CA SER A 190 0.71 6.74 26.90
C SER A 190 -0.58 7.52 26.74
N LEU A 191 -1.07 8.05 27.86
CA LEU A 191 -2.28 8.87 27.87
C LEU A 191 -1.89 10.35 27.83
N SER A 192 -2.67 11.13 27.07
CA SER A 192 -2.47 12.57 27.05
C SER A 192 -2.61 13.15 28.45
N ALA A 193 -3.55 12.62 29.25
CA ALA A 193 -3.73 13.11 30.60
C ALA A 193 -2.48 12.89 31.44
N ILE A 194 -1.79 11.78 31.22
CA ILE A 194 -0.56 11.51 31.96
C ILE A 194 0.63 12.26 31.35
N ASP A 195 0.62 12.45 30.03
CA ASP A 195 1.68 13.26 29.42
C ASP A 195 1.58 14.72 29.84
N ARG A 196 0.37 15.23 30.00
CA ARG A 196 0.18 16.60 30.45
C ARG A 196 0.44 16.77 31.95
N ALA A 197 0.44 15.67 32.71
CA ALA A 197 0.68 15.75 34.13
C ALA A 197 2.16 16.03 34.41
N GLY A 198 2.50 16.14 35.69
CA GLY A 198 3.84 16.48 36.11
C GLY A 198 4.79 15.29 36.03
N ALA A 199 6.01 15.53 36.52
CA ALA A 199 7.02 14.47 36.51
C ALA A 199 6.73 13.40 37.55
N GLU A 200 6.15 13.77 38.69
CA GLU A 200 5.84 12.77 39.71
C GLU A 200 4.77 11.80 39.21
N VAL A 201 3.79 12.31 38.47
CA VAL A 201 2.76 11.43 37.91
C VAL A 201 3.40 10.48 36.90
N LYS A 202 4.25 11.01 36.02
CA LYS A 202 4.92 10.17 35.03
C LYS A 202 5.78 9.11 35.69
N SER A 203 6.50 9.48 36.76
CA SER A 203 7.37 8.54 37.44
C SER A 203 6.59 7.44 38.16
N ARG A 204 5.32 7.68 38.45
CA ARG A 204 4.47 6.69 39.12
C ARG A 204 3.48 6.05 38.15
N THR A 205 3.79 6.07 36.86
CA THR A 205 3.01 5.43 35.82
C THR A 205 3.88 4.42 35.09
N THR A 206 3.40 3.19 34.95
CA THR A 206 4.15 2.10 34.35
C THR A 206 3.59 1.76 32.98
N LEU A 207 4.47 1.65 31.99
CA LEU A 207 4.13 1.12 30.67
C LEU A 207 4.69 -0.30 30.58
N PHE A 208 3.80 -1.29 30.63
CA PHE A 208 4.19 -2.68 30.84
C PHE A 208 4.47 -3.34 29.50
N ARG A 209 5.73 -3.73 29.26
CA ARG A 209 6.09 -4.42 28.04
C ARG A 209 7.26 -5.39 28.20
N LYS A 210 8.26 -5.01 28.99
CA LYS A 210 9.53 -5.74 29.03
C LYS A 210 9.75 -6.37 30.41
N ILE A 211 10.82 -7.16 30.49
CA ILE A 211 11.21 -7.80 31.74
C ILE A 211 11.34 -6.77 32.85
N GLY A 212 11.99 -5.64 32.56
CA GLY A 212 12.15 -4.61 33.57
C GLY A 212 10.82 -4.11 34.10
N ASP A 213 9.79 -4.10 33.25
CA ASP A 213 8.48 -3.66 33.70
C ASP A 213 7.85 -4.68 34.64
N PHE A 214 8.00 -5.97 34.34
CA PHE A 214 7.52 -7.01 35.24
C PHE A 214 8.21 -6.92 36.60
N ARG A 215 9.52 -6.70 36.60
CA ARG A 215 10.25 -6.64 37.86
C ARG A 215 9.88 -5.40 38.66
N SER A 216 9.75 -4.25 37.99
CA SER A 216 9.40 -3.02 38.70
C SER A 216 7.97 -3.08 39.23
N LEU A 217 7.04 -3.61 38.45
CA LEU A 217 5.65 -3.66 38.89
C LEU A 217 5.47 -4.69 40.00
N GLU A 218 6.15 -5.82 39.91
CA GLU A 218 6.08 -6.82 40.97
C GLU A 218 6.58 -6.24 42.29
N LYS A 219 7.67 -5.46 42.24
CA LYS A 219 8.17 -4.83 43.45
C LYS A 219 7.19 -3.78 43.98
N ILE A 220 6.57 -3.02 43.07
CA ILE A 220 5.60 -2.01 43.48
C ILE A 220 4.40 -2.66 44.16
N SER A 221 3.93 -3.79 43.61
CA SER A 221 2.77 -4.46 44.20
C SER A 221 3.03 -4.90 45.63
N ARG A 222 4.28 -5.09 46.02
CA ARG A 222 4.64 -5.45 47.39
C ARG A 222 4.92 -4.24 48.28
N GLU A 223 4.90 -3.03 47.73
CA GLU A 223 5.25 -1.84 48.48
C GLU A 223 4.11 -0.85 48.65
N VAL A 224 3.18 -0.79 47.69
CA VAL A 224 2.06 0.14 47.76
C VAL A 224 0.80 -0.64 48.08
N LYS A 225 -0.26 0.10 48.42
CA LYS A 225 -1.53 -0.51 48.80
C LYS A 225 -2.58 -0.44 47.70
N SER A 226 -2.42 0.42 46.70
CA SER A 226 -3.42 0.60 45.66
C SER A 226 -2.74 0.81 44.32
N ILE A 227 -3.06 -0.03 43.35
CA ILE A 227 -2.59 0.10 41.98
C ILE A 227 -3.81 0.18 41.08
N THR A 228 -3.80 1.16 40.16
CA THR A 228 -4.88 1.35 39.22
C THR A 228 -4.38 1.05 37.80
N ILE A 229 -5.09 0.17 37.10
CA ILE A 229 -4.80 -0.16 35.71
C ILE A 229 -5.76 0.64 34.84
N ILE A 230 -5.20 1.37 33.88
CA ILE A 230 -5.99 2.13 32.92
C ILE A 230 -5.92 1.39 31.59
N GLY A 231 -7.06 0.90 31.13
CA GLY A 231 -7.13 0.11 29.91
C GLY A 231 -7.91 -1.18 30.13
N GLY A 232 -8.85 -1.45 29.23
CA GLY A 232 -9.67 -2.64 29.32
C GLY A 232 -9.28 -3.76 28.38
N GLY A 233 -8.19 -3.60 27.64
CA GLY A 233 -7.75 -4.62 26.70
C GLY A 233 -7.27 -5.87 27.40
N PHE A 234 -6.67 -6.76 26.60
CA PHE A 234 -6.23 -8.05 27.13
C PHE A 234 -5.09 -7.86 28.13
N LEU A 235 -4.17 -6.93 27.85
CA LEU A 235 -3.05 -6.71 28.75
C LEU A 235 -3.54 -6.14 30.09
N GLY A 236 -4.36 -5.09 30.04
CA GLY A 236 -4.87 -4.51 31.27
C GLY A 236 -5.66 -5.50 32.11
N SER A 237 -6.46 -6.34 31.45
CA SER A 237 -7.27 -7.31 32.17
C SER A 237 -6.41 -8.42 32.77
N GLU A 238 -5.40 -8.88 32.03
CA GLU A 238 -4.51 -9.90 32.57
C GLU A 238 -3.73 -9.39 33.77
N LEU A 239 -3.21 -8.17 33.68
CA LEU A 239 -2.50 -7.59 34.81
C LEU A 239 -3.43 -7.40 36.00
N ALA A 240 -4.70 -7.08 35.75
CA ALA A 240 -5.64 -6.93 36.86
C ALA A 240 -5.84 -8.25 37.60
N CYS A 241 -6.01 -9.35 36.85
CA CYS A 241 -6.15 -10.65 37.49
C CYS A 241 -4.87 -11.04 38.22
N ALA A 242 -3.71 -10.75 37.63
CA ALA A 242 -2.44 -11.07 38.28
C ALA A 242 -2.29 -10.28 39.58
N LEU A 243 -2.43 -8.96 39.50
CA LEU A 243 -2.35 -8.15 40.72
C LEU A 243 -3.48 -8.46 41.68
N GLY A 244 -4.65 -8.85 41.16
CA GLY A 244 -5.74 -9.21 42.04
C GLY A 244 -5.44 -10.45 42.86
N ARG A 245 -4.85 -11.47 42.24
CA ARG A 245 -4.45 -12.66 42.99
C ARG A 245 -3.38 -12.31 44.01
N LYS A 246 -2.37 -11.55 43.60
CA LYS A 246 -1.30 -11.18 44.52
C LYS A 246 -1.82 -10.27 45.63
N ALA A 247 -2.85 -9.45 45.34
CA ALA A 247 -3.38 -8.55 46.35
C ALA A 247 -4.21 -9.29 47.38
N ARG A 248 -4.82 -10.41 47.01
CA ARG A 248 -5.65 -11.16 47.95
C ARG A 248 -4.83 -11.66 49.12
N ALA A 249 -3.56 -12.01 48.90
CA ALA A 249 -2.71 -12.49 49.97
C ALA A 249 -2.19 -11.34 50.84
N LEU A 250 -2.05 -10.15 50.26
CA LEU A 250 -1.58 -8.98 50.99
C LEU A 250 -2.71 -8.08 51.47
N GLY A 251 -3.93 -8.29 50.98
CA GLY A 251 -5.04 -7.43 51.35
C GLY A 251 -5.00 -6.05 50.73
N THR A 252 -4.34 -5.92 49.58
CA THR A 252 -4.19 -4.63 48.92
C THR A 252 -5.31 -4.44 47.90
N GLU A 253 -5.29 -3.31 47.21
CA GLU A 253 -6.34 -2.91 46.29
C GLU A 253 -5.82 -2.87 44.86
N VAL A 254 -6.66 -3.32 43.92
CA VAL A 254 -6.38 -3.26 42.50
C VAL A 254 -7.61 -2.70 41.81
N ILE A 255 -7.44 -1.61 41.06
CA ILE A 255 -8.52 -0.95 40.34
C ILE A 255 -8.22 -1.04 38.85
N GLN A 256 -9.26 -1.28 38.06
CA GLN A 256 -9.16 -1.24 36.60
C GLN A 256 -10.27 -0.37 36.06
N LEU A 257 -9.90 0.66 35.30
CA LEU A 257 -10.86 1.56 34.69
C LEU A 257 -10.56 1.68 33.20
N PHE A 258 -11.62 1.87 32.41
CA PHE A 258 -11.51 1.95 30.97
C PHE A 258 -12.80 2.58 30.43
N PRO A 259 -12.76 3.13 29.22
CA PRO A 259 -13.96 3.84 28.71
C PRO A 259 -15.07 2.90 28.27
N GLU A 260 -14.78 1.65 27.95
CA GLU A 260 -15.79 0.75 27.45
C GLU A 260 -16.76 0.35 28.56
N LYS A 261 -17.84 -0.31 28.18
CA LYS A 261 -18.81 -0.80 29.15
C LYS A 261 -18.32 -2.04 29.89
N GLY A 262 -17.30 -2.72 29.36
CA GLY A 262 -16.77 -3.91 30.00
C GLY A 262 -15.39 -4.24 29.45
N ASN A 263 -14.77 -5.23 30.08
CA ASN A 263 -13.45 -5.68 29.64
C ASN A 263 -13.50 -6.17 28.21
N MET A 264 -12.49 -5.79 27.42
CA MET A 264 -12.40 -6.15 26.00
C MET A 264 -13.66 -5.71 25.25
N GLY A 265 -14.16 -4.53 25.59
CA GLY A 265 -15.35 -4.03 24.91
C GLY A 265 -15.15 -3.87 23.42
N LYS A 266 -13.91 -3.64 22.98
CA LYS A 266 -13.60 -3.51 21.56
C LYS A 266 -13.47 -4.85 20.86
N ILE A 267 -13.36 -5.95 21.61
CA ILE A 267 -13.09 -7.27 21.06
C ILE A 267 -14.31 -8.17 21.18
N LEU A 268 -14.84 -8.33 22.39
CA LEU A 268 -15.93 -9.25 22.64
C LEU A 268 -17.28 -8.53 22.52
N PRO A 269 -18.35 -9.23 22.18
CA PRO A 269 -19.68 -8.61 22.22
C PRO A 269 -20.02 -8.15 23.63
N GLU A 270 -21.00 -7.27 23.72
CA GLU A 270 -21.32 -6.62 24.99
C GLU A 270 -21.63 -7.65 26.08
N TYR A 271 -22.46 -8.64 25.76
CA TYR A 271 -22.86 -9.61 26.79
C TYR A 271 -21.67 -10.40 27.30
N LEU A 272 -20.74 -10.77 26.42
CA LEU A 272 -19.56 -11.51 26.85
C LEU A 272 -18.56 -10.60 27.55
N SER A 273 -18.40 -9.37 27.07
CA SER A 273 -17.54 -8.41 27.75
C SER A 273 -18.03 -8.17 29.18
N ASN A 274 -19.34 -8.02 29.35
CA ASN A 274 -19.89 -7.84 30.69
C ASN A 274 -19.64 -9.06 31.57
N TRP A 275 -19.84 -10.26 31.02
CA TRP A 275 -19.59 -11.47 31.78
C TRP A 275 -18.12 -11.57 32.19
N THR A 276 -17.22 -11.17 31.29
CA THR A 276 -15.79 -11.18 31.62
C THR A 276 -15.49 -10.20 32.74
N MET A 277 -16.14 -9.03 32.72
CA MET A 277 -15.93 -8.04 33.77
C MET A 277 -16.28 -8.61 35.14
N GLU A 278 -17.36 -9.38 35.22
CA GLU A 278 -17.74 -9.97 36.49
C GLU A 278 -16.69 -10.96 36.98
N LYS A 279 -16.06 -11.69 36.05
CA LYS A 279 -15.04 -12.65 36.44
C LYS A 279 -13.77 -11.93 36.91
N VAL A 280 -13.42 -10.82 36.25
CA VAL A 280 -12.29 -10.02 36.71
C VAL A 280 -12.56 -9.47 38.11
N ARG A 281 -13.79 -9.02 38.36
CA ARG A 281 -14.15 -8.52 39.68
C ARG A 281 -13.98 -9.62 40.73
N ARG A 282 -14.34 -10.85 40.39
CA ARG A 282 -14.21 -11.95 41.34
C ARG A 282 -12.77 -12.34 41.60
N GLU A 283 -11.81 -11.82 40.82
CA GLU A 283 -10.40 -11.99 41.11
C GLU A 283 -9.88 -10.95 42.10
N GLY A 284 -10.75 -10.14 42.69
CA GLY A 284 -10.34 -9.14 43.65
C GLY A 284 -9.96 -7.82 43.00
N VAL A 285 -10.69 -7.44 41.95
CA VAL A 285 -10.43 -6.22 41.20
C VAL A 285 -11.66 -5.33 41.27
N LYS A 286 -11.46 -4.06 41.58
CA LYS A 286 -12.51 -3.05 41.50
C LYS A 286 -12.51 -2.49 40.08
N VAL A 287 -13.43 -2.98 39.25
CA VAL A 287 -13.50 -2.59 37.84
C VAL A 287 -14.47 -1.42 37.69
N MET A 288 -14.02 -0.37 37.01
CA MET A 288 -14.80 0.85 36.79
C MET A 288 -14.98 1.07 35.28
N PRO A 289 -16.02 0.52 34.67
CA PRO A 289 -16.26 0.77 33.25
C PRO A 289 -16.76 2.19 33.01
N ASN A 290 -16.88 2.52 31.72
CA ASN A 290 -17.40 3.81 31.29
C ASN A 290 -16.62 4.97 31.93
N ALA A 291 -15.30 4.79 32.03
CA ALA A 291 -14.43 5.74 32.70
C ALA A 291 -13.47 6.32 31.67
N ILE A 292 -13.55 7.64 31.48
CA ILE A 292 -12.63 8.38 30.61
C ILE A 292 -11.82 9.30 31.50
N VAL A 293 -10.50 9.19 31.43
CA VAL A 293 -9.64 10.01 32.27
C VAL A 293 -9.65 11.44 31.73
N GLN A 294 -9.99 12.38 32.61
CA GLN A 294 -9.90 13.80 32.27
C GLN A 294 -8.53 14.37 32.62
N SER A 295 -8.01 14.02 33.79
CA SER A 295 -6.71 14.50 34.23
C SER A 295 -6.23 13.60 35.36
N VAL A 296 -4.94 13.73 35.67
CA VAL A 296 -4.31 12.98 36.76
C VAL A 296 -3.34 13.92 37.47
N GLY A 297 -3.38 13.92 38.80
CA GLY A 297 -2.51 14.76 39.59
C GLY A 297 -2.14 14.08 40.89
N VAL A 298 -1.31 14.75 41.67
CA VAL A 298 -0.86 14.27 42.96
C VAL A 298 -1.49 15.14 44.04
N SER A 299 -2.11 14.51 45.03
CA SER A 299 -2.78 15.21 46.13
C SER A 299 -2.36 14.54 47.43
N SER A 300 -1.53 15.24 48.21
CA SER A 300 -1.05 14.74 49.49
C SER A 300 -0.37 13.38 49.31
N GLY A 301 0.53 13.30 48.33
CA GLY A 301 1.30 12.11 48.06
C GLY A 301 0.58 11.02 47.30
N LYS A 302 -0.74 11.10 47.15
CA LYS A 302 -1.51 10.09 46.44
C LYS A 302 -1.84 10.57 45.03
N LEU A 303 -1.93 9.61 44.11
CA LEU A 303 -2.38 9.92 42.76
C LEU A 303 -3.89 10.08 42.76
N LEU A 304 -4.37 11.16 42.15
CA LEU A 304 -5.80 11.45 42.06
C LEU A 304 -6.18 11.47 40.60
N ILE A 305 -7.01 10.51 40.18
CA ILE A 305 -7.47 10.40 38.80
C ILE A 305 -8.86 11.00 38.73
N LYS A 306 -9.03 12.01 37.89
CA LYS A 306 -10.31 12.68 37.70
C LYS A 306 -10.92 12.22 36.38
N LEU A 307 -12.15 11.73 36.43
CA LEU A 307 -12.84 11.20 35.27
C LEU A 307 -13.81 12.23 34.70
N LYS A 308 -14.07 12.10 33.40
CA LYS A 308 -14.95 13.06 32.71
C LYS A 308 -16.36 13.07 33.30
N ASP A 309 -16.81 11.95 33.88
CA ASP A 309 -18.15 11.87 34.44
C ASP A 309 -18.24 12.43 35.86
N GLY A 310 -17.15 12.96 36.41
CA GLY A 310 -17.15 13.55 37.73
C GLY A 310 -16.53 12.68 38.81
N ARG A 311 -16.37 11.39 38.56
CA ARG A 311 -15.80 10.50 39.56
C ARG A 311 -14.31 10.76 39.72
N LYS A 312 -13.80 10.44 40.91
CA LYS A 312 -12.38 10.61 41.22
C LYS A 312 -11.88 9.34 41.91
N VAL A 313 -10.65 8.97 41.60
CA VAL A 313 -10.05 7.73 42.09
C VAL A 313 -8.74 8.06 42.79
N GLU A 314 -8.58 7.57 44.01
CA GLU A 314 -7.33 7.68 44.75
C GLU A 314 -6.57 6.36 44.62
N THR A 315 -5.30 6.45 44.27
CA THR A 315 -4.47 5.26 44.10
C THR A 315 -3.03 5.66 44.32
N ASP A 316 -2.16 4.64 44.43
CA ASP A 316 -0.74 4.86 44.69
C ASP A 316 0.12 4.72 43.45
N HIS A 317 -0.29 3.91 42.48
CA HIS A 317 0.48 3.71 41.27
C HIS A 317 -0.47 3.40 40.12
N ILE A 318 -0.06 3.81 38.91
CA ILE A 318 -0.87 3.64 37.72
C ILE A 318 -0.11 2.77 36.73
N VAL A 319 -0.83 1.84 36.10
CA VAL A 319 -0.34 1.05 34.98
C VAL A 319 -1.21 1.38 33.79
N ALA A 320 -0.61 1.95 32.75
CA ALA A 320 -1.33 2.35 31.55
C ALA A 320 -1.13 1.28 30.49
N ALA A 321 -2.21 0.59 30.15
CA ALA A 321 -2.23 -0.43 29.09
C ALA A 321 -3.26 0.01 28.06
N VAL A 322 -2.89 0.99 27.26
CA VAL A 322 -3.83 1.64 26.34
C VAL A 322 -3.33 1.56 24.91
N GLY A 323 -2.72 0.44 24.54
CA GLY A 323 -2.37 0.17 23.16
C GLY A 323 -0.89 0.35 22.88
N LEU A 324 -0.55 0.08 21.62
CA LEU A 324 0.83 -0.01 21.18
C LEU A 324 1.05 0.90 19.99
N GLU A 325 2.27 1.45 19.89
CA GLU A 325 2.66 2.28 18.76
C GLU A 325 3.76 1.58 17.98
N PRO A 326 3.56 1.22 16.71
CA PRO A 326 4.61 0.51 15.97
C PRO A 326 5.88 1.34 15.88
N ASN A 327 7.02 0.67 16.08
CA ASN A 327 8.33 1.32 16.00
C ASN A 327 8.70 1.44 14.52
N VAL A 328 8.39 2.60 13.94
CA VAL A 328 8.57 2.84 12.51
C VAL A 328 9.54 3.99 12.25
N GLU A 329 10.40 4.32 13.23
CA GLU A 329 11.28 5.46 13.07
C GLU A 329 12.28 5.25 11.93
N LEU A 330 12.61 4.00 11.61
CA LEU A 330 13.56 3.74 10.53
C LEU A 330 12.97 3.97 9.15
N ALA A 331 11.66 4.19 9.05
CA ALA A 331 11.06 4.43 7.74
C ALA A 331 11.50 5.75 7.15
N LYS A 332 11.79 6.75 7.99
CA LYS A 332 12.20 8.06 7.48
C LYS A 332 13.50 7.95 6.69
N THR A 333 14.59 7.57 7.35
CA THR A 333 15.87 7.45 6.65
C THR A 333 15.84 6.37 5.58
N GLY A 334 15.03 5.33 5.78
CA GLY A 334 14.96 4.26 4.81
C GLY A 334 14.11 4.53 3.59
N GLY A 335 13.32 5.60 3.62
CA GLY A 335 12.38 5.84 2.53
C GLY A 335 11.34 4.75 2.40
N LEU A 336 10.91 4.16 3.53
CA LEU A 336 9.95 3.07 3.54
C LEU A 336 8.55 3.61 3.81
N GLU A 337 7.56 3.07 3.09
CA GLU A 337 6.20 3.53 3.23
C GLU A 337 5.58 3.02 4.52
N ILE A 338 4.86 3.90 5.22
CA ILE A 338 4.09 3.53 6.40
C ILE A 338 2.62 3.54 6.02
N ASP A 339 1.84 2.70 6.70
CA ASP A 339 0.41 2.63 6.46
C ASP A 339 -0.30 3.63 7.37
N SER A 340 -0.98 4.59 6.75
CA SER A 340 -1.65 5.64 7.50
C SER A 340 -2.91 5.14 8.20
N ASP A 341 -3.48 4.03 7.75
CA ASP A 341 -4.70 3.52 8.36
C ASP A 341 -4.38 2.65 9.57
N PHE A 342 -3.57 1.62 9.38
CA PHE A 342 -3.26 0.66 10.44
C PHE A 342 -1.95 0.95 11.16
N GLY A 343 -1.12 1.85 10.64
CA GLY A 343 0.21 2.05 11.17
C GLY A 343 1.15 0.93 10.77
N GLY A 344 2.43 1.13 11.04
CA GLY A 344 3.46 0.15 10.74
C GLY A 344 3.98 0.27 9.32
N PHE A 345 5.02 -0.51 9.05
CA PHE A 345 5.59 -0.57 7.71
C PHE A 345 4.62 -1.28 6.77
N ARG A 346 4.33 -0.65 5.63
CA ARG A 346 3.45 -1.24 4.63
C ARG A 346 4.23 -2.24 3.78
N VAL A 347 3.81 -3.50 3.82
CA VAL A 347 4.44 -4.57 3.05
C VAL A 347 3.34 -5.35 2.32
N ASN A 348 3.76 -6.20 1.40
CA ASN A 348 2.84 -6.97 0.57
C ASN A 348 2.54 -8.31 1.26
N ALA A 349 1.86 -9.20 0.54
CA ALA A 349 1.45 -10.47 1.13
C ALA A 349 2.63 -11.34 1.53
N GLU A 350 3.79 -11.13 0.93
CA GLU A 350 4.99 -11.88 1.28
C GLU A 350 5.81 -11.19 2.37
N LEU A 351 5.24 -10.16 3.01
CA LEU A 351 5.89 -9.40 4.06
C LEU A 351 7.09 -8.61 3.56
N GLN A 352 7.18 -8.38 2.25
CA GLN A 352 8.31 -7.70 1.65
C GLN A 352 8.00 -6.23 1.47
N ALA A 353 8.98 -5.39 1.82
CA ALA A 353 8.91 -3.95 1.58
C ALA A 353 9.70 -3.54 0.35
N ARG A 354 10.95 -3.98 0.26
CA ARG A 354 11.82 -3.70 -0.87
C ARG A 354 12.56 -4.99 -1.23
N SER A 355 13.41 -4.90 -2.26
CA SER A 355 14.01 -6.10 -2.83
C SER A 355 14.68 -6.98 -1.77
N ASN A 356 15.34 -6.37 -0.79
CA ASN A 356 16.11 -7.10 0.21
C ASN A 356 15.67 -6.76 1.63
N ILE A 357 14.42 -6.34 1.81
CA ILE A 357 13.93 -5.93 3.12
C ILE A 357 12.53 -6.50 3.33
N TRP A 358 12.35 -7.22 4.43
CA TRP A 358 11.05 -7.71 4.85
C TRP A 358 10.71 -7.14 6.22
N VAL A 359 9.42 -7.20 6.57
CA VAL A 359 8.94 -6.73 7.87
C VAL A 359 8.00 -7.78 8.44
N ALA A 360 8.11 -8.04 9.74
CA ALA A 360 7.32 -9.04 10.41
C ALA A 360 6.97 -8.58 11.81
N GLY A 361 5.98 -9.25 12.41
CA GLY A 361 5.60 -8.97 13.78
C GLY A 361 4.65 -7.78 13.91
N ASP A 362 4.69 -7.15 15.09
CA ASP A 362 3.75 -6.08 15.39
C ASP A 362 3.91 -4.90 14.43
N ALA A 363 5.09 -4.70 13.87
CA ALA A 363 5.38 -3.53 13.05
C ALA A 363 4.99 -3.69 11.59
N ALA A 364 4.50 -4.86 11.18
CA ALA A 364 4.26 -5.16 9.78
C ALA A 364 2.79 -4.99 9.44
N CYS A 365 2.48 -3.99 8.61
CA CYS A 365 1.17 -3.88 7.97
C CYS A 365 1.25 -4.59 6.63
N PHE A 366 0.62 -5.75 6.53
CA PHE A 366 0.73 -6.61 5.37
C PHE A 366 -0.63 -6.78 4.70
N TYR A 367 -0.59 -7.27 3.46
CA TYR A 367 -1.80 -7.57 2.72
C TYR A 367 -2.15 -9.05 2.89
N ASP A 368 -3.30 -9.31 3.50
CA ASP A 368 -3.84 -10.66 3.61
C ASP A 368 -4.73 -10.90 2.41
N ILE A 369 -4.28 -11.77 1.50
CA ILE A 369 -5.03 -12.00 0.26
C ILE A 369 -6.43 -12.52 0.54
N LYS A 370 -6.68 -13.08 1.73
CA LYS A 370 -8.00 -13.57 2.09
C LYS A 370 -8.79 -12.61 2.96
N LEU A 371 -8.13 -11.84 3.83
CA LEU A 371 -8.81 -10.97 4.77
C LEU A 371 -8.56 -9.49 4.54
N GLY A 372 -7.67 -9.12 3.61
CA GLY A 372 -7.38 -7.73 3.32
C GLY A 372 -6.16 -7.23 4.07
N ARG A 373 -5.89 -5.94 3.91
CA ARG A 373 -4.74 -5.33 4.57
C ARG A 373 -4.98 -5.25 6.07
N ARG A 374 -3.97 -5.65 6.85
CA ARG A 374 -4.10 -5.74 8.30
C ARG A 374 -2.77 -5.42 8.95
N ARG A 375 -2.83 -5.21 10.26
CA ARG A 375 -1.65 -5.25 11.13
C ARG A 375 -2.06 -5.96 12.41
N VAL A 376 -1.30 -7.01 12.76
CA VAL A 376 -1.66 -7.89 13.87
C VAL A 376 -0.59 -7.78 14.95
N GLU A 377 -1.02 -7.82 16.20
CA GLU A 377 -0.12 -7.68 17.35
C GLU A 377 -0.20 -8.89 18.28
N HIS A 378 -0.09 -10.09 17.73
CA HIS A 378 -0.18 -11.32 18.52
C HIS A 378 1.17 -12.01 18.60
N HIS A 379 1.36 -12.78 19.68
CA HIS A 379 2.59 -13.54 19.82
C HIS A 379 2.76 -14.56 18.70
N ASP A 380 1.73 -15.38 18.48
CA ASP A 380 1.83 -16.39 17.42
C ASP A 380 1.93 -15.77 16.05
N HIS A 381 1.42 -14.55 15.87
CA HIS A 381 1.60 -13.87 14.60
C HIS A 381 3.06 -13.49 14.39
N ALA A 382 3.73 -13.00 15.44
CA ALA A 382 5.16 -12.73 15.35
C ALA A 382 5.92 -13.99 15.00
N VAL A 383 5.52 -15.13 15.58
CA VAL A 383 6.17 -16.39 15.27
C VAL A 383 5.91 -16.77 13.82
N VAL A 384 4.64 -16.71 13.39
CA VAL A 384 4.27 -17.13 12.04
C VAL A 384 4.85 -16.17 11.00
N SER A 385 4.65 -14.87 11.20
CA SER A 385 5.15 -13.90 10.23
C SER A 385 6.69 -13.88 10.22
N GLY A 386 7.31 -14.04 11.39
CA GLY A 386 8.76 -14.12 11.43
C GLY A 386 9.26 -15.34 10.70
N ARG A 387 8.66 -16.50 10.96
CA ARG A 387 9.02 -17.71 10.22
C ARG A 387 8.81 -17.51 8.72
N LEU A 388 7.66 -16.95 8.33
CA LEU A 388 7.40 -16.73 6.92
C LEU A 388 8.45 -15.81 6.30
N ALA A 389 8.80 -14.73 7.00
CA ALA A 389 9.81 -13.82 6.49
C ALA A 389 11.13 -14.54 6.27
N GLY A 390 11.56 -15.34 7.24
CA GLY A 390 12.79 -16.08 7.09
C GLY A 390 12.78 -16.98 5.87
N GLU A 391 11.64 -17.63 5.61
CA GLU A 391 11.52 -18.47 4.42
C GLU A 391 11.63 -17.63 3.15
N ASN A 392 10.96 -16.48 3.13
CA ASN A 392 11.02 -15.63 1.94
C ASN A 392 12.38 -14.97 1.79
N MET A 393 13.09 -14.76 2.90
CA MET A 393 14.46 -14.28 2.84
C MET A 393 15.41 -15.35 2.30
N THR A 394 14.95 -16.60 2.20
CA THR A 394 15.71 -17.68 1.59
C THR A 394 15.01 -18.20 0.33
N GLY A 395 14.19 -17.37 -0.31
CA GLY A 395 13.68 -17.65 -1.64
C GLY A 395 12.33 -18.33 -1.72
N ALA A 396 11.55 -18.34 -0.63
CA ALA A 396 10.30 -19.10 -0.63
C ALA A 396 9.23 -18.41 -1.46
N ALA A 397 9.17 -17.08 -1.42
CA ALA A 397 8.16 -16.31 -2.15
C ALA A 397 6.75 -16.74 -1.77
N LYS A 398 6.52 -16.93 -0.47
CA LYS A 398 5.23 -17.41 0.00
C LYS A 398 4.41 -16.30 0.62
N PRO A 399 3.12 -16.21 0.33
CA PRO A 399 2.28 -15.19 0.98
C PRO A 399 1.81 -15.65 2.35
N TYR A 400 1.46 -14.66 3.18
CA TYR A 400 0.84 -14.95 4.45
C TYR A 400 -0.46 -15.71 4.22
N TRP A 401 -0.51 -16.96 4.69
CA TRP A 401 -1.61 -17.86 4.38
C TRP A 401 -2.08 -18.58 5.64
N HIS A 402 -1.16 -19.14 6.40
CA HIS A 402 -1.49 -19.76 7.68
C HIS A 402 -1.83 -18.66 8.68
N GLN A 403 -3.11 -18.58 9.06
CA GLN A 403 -3.55 -17.55 9.99
C GLN A 403 -3.02 -17.82 11.40
N SER A 404 -2.55 -16.76 12.05
CA SER A 404 -2.07 -16.88 13.42
C SER A 404 -3.23 -16.83 14.40
N MET A 405 -3.04 -17.45 15.55
CA MET A 405 -4.02 -17.43 16.63
C MET A 405 -3.54 -16.51 17.74
N PHE A 406 -4.48 -16.06 18.57
CA PHE A 406 -4.14 -15.36 19.80
C PHE A 406 -4.94 -15.95 20.95
N TRP A 407 -4.44 -15.71 22.16
CA TRP A 407 -5.05 -16.27 23.36
C TRP A 407 -4.88 -15.29 24.51
N SER A 408 -5.74 -15.45 25.51
CA SER A 408 -5.65 -14.68 26.74
C SER A 408 -6.19 -15.52 27.89
N ASP A 409 -5.48 -15.50 29.01
CA ASP A 409 -5.91 -16.13 30.25
C ASP A 409 -6.23 -15.04 31.25
N LEU A 410 -7.47 -15.01 31.72
CA LEU A 410 -7.93 -14.04 32.72
C LEU A 410 -8.26 -14.82 33.98
N GLY A 411 -7.23 -15.22 34.70
CA GLY A 411 -7.39 -16.08 35.85
C GLY A 411 -7.30 -17.54 35.43
N PRO A 412 -7.61 -18.44 36.37
CA PRO A 412 -7.59 -19.87 36.05
C PRO A 412 -8.90 -20.41 35.49
N ASP A 413 -9.97 -19.61 35.50
CA ASP A 413 -11.28 -20.05 35.06
C ASP A 413 -11.72 -19.46 33.72
N VAL A 414 -10.95 -18.55 33.14
CA VAL A 414 -11.31 -17.90 31.89
C VAL A 414 -10.14 -18.05 30.91
N GLY A 415 -10.33 -18.82 29.86
CA GLY A 415 -9.36 -18.91 28.80
C GLY A 415 -9.99 -18.58 27.46
N TYR A 416 -9.35 -17.71 26.68
CA TYR A 416 -9.84 -17.31 25.38
C TYR A 416 -8.81 -17.67 24.31
N GLU A 417 -9.30 -18.18 23.19
CA GLU A 417 -8.50 -18.34 21.98
C GLU A 417 -9.30 -17.79 20.82
N ALA A 418 -8.61 -17.14 19.87
CA ALA A 418 -9.30 -16.49 18.77
C ALA A 418 -8.37 -16.43 17.57
N ILE A 419 -8.97 -16.18 16.40
CA ILE A 419 -8.25 -16.22 15.14
C ILE A 419 -9.03 -15.39 14.12
N GLY A 420 -8.28 -14.70 13.25
CA GLY A 420 -8.89 -13.92 12.20
C GLY A 420 -9.27 -12.51 12.62
N LEU A 421 -10.30 -11.97 11.98
CA LEU A 421 -10.75 -10.60 12.25
C LEU A 421 -11.74 -10.63 13.40
N VAL A 422 -11.31 -10.15 14.57
CA VAL A 422 -12.09 -10.17 15.79
C VAL A 422 -12.30 -8.72 16.21
N ASP A 423 -13.54 -8.25 16.12
CA ASP A 423 -13.85 -6.85 16.37
C ASP A 423 -15.32 -6.73 16.77
N SER A 424 -15.57 -6.13 17.92
CA SER A 424 -16.93 -6.06 18.44
C SER A 424 -17.85 -5.23 17.55
N SER A 425 -17.30 -4.44 16.63
CA SER A 425 -18.14 -3.69 15.70
C SER A 425 -18.68 -4.55 14.57
N LEU A 426 -18.08 -5.72 14.33
CA LEU A 426 -18.60 -6.64 13.33
C LEU A 426 -19.82 -7.38 13.88
N PRO A 427 -20.74 -7.81 13.01
CA PRO A 427 -21.84 -8.65 13.47
C PRO A 427 -21.31 -9.97 14.01
N THR A 428 -21.93 -10.44 15.10
CA THR A 428 -21.47 -11.64 15.79
C THR A 428 -22.63 -12.58 16.05
N VAL A 429 -22.31 -13.86 16.12
CA VAL A 429 -23.23 -14.91 16.54
C VAL A 429 -22.52 -15.75 17.59
N GLY A 430 -23.09 -15.83 18.78
CA GLY A 430 -22.50 -16.56 19.90
C GLY A 430 -23.33 -17.80 20.21
N VAL A 431 -22.65 -18.92 20.43
CA VAL A 431 -23.28 -20.18 20.79
C VAL A 431 -22.58 -20.71 22.03
N PHE A 432 -23.35 -20.97 23.08
CA PHE A 432 -22.80 -21.29 24.40
C PHE A 432 -23.44 -22.56 24.94
N ALA A 433 -22.78 -23.14 25.94
CA ALA A 433 -23.24 -24.37 26.57
C ALA A 433 -22.69 -24.48 27.99
N GLY A 485 -20.66 -21.65 30.38
CA GLY A 485 -19.31 -22.01 30.79
C GLY A 485 -18.33 -22.03 29.64
N LYS A 486 -18.83 -22.32 28.45
CA LYS A 486 -18.01 -22.35 27.24
C LYS A 486 -18.87 -21.95 26.06
N GLY A 487 -18.21 -21.56 24.98
CA GLY A 487 -18.92 -21.19 23.78
C GLY A 487 -17.98 -20.68 22.70
N VAL A 488 -18.57 -20.38 21.55
CA VAL A 488 -17.86 -19.87 20.39
C VAL A 488 -18.60 -18.66 19.86
N ILE A 489 -17.85 -17.65 19.41
CA ILE A 489 -18.41 -16.44 18.83
C ILE A 489 -17.87 -16.32 17.41
N PHE A 490 -18.78 -16.22 16.45
CA PHE A 490 -18.43 -16.08 15.04
C PHE A 490 -18.55 -14.61 14.63
N TYR A 491 -17.50 -14.10 13.99
CA TYR A 491 -17.48 -12.74 13.46
C TYR A 491 -17.67 -12.80 11.95
N LEU A 492 -18.66 -12.05 11.45
CA LEU A 492 -19.14 -12.21 10.09
C LEU A 492 -18.85 -10.97 9.26
N ARG A 493 -18.64 -11.20 7.96
CA ARG A 493 -18.49 -10.13 6.99
C ARG A 493 -18.72 -10.72 5.60
N ASP A 494 -19.59 -10.07 4.82
CA ASP A 494 -19.95 -10.57 3.49
C ASP A 494 -20.56 -11.96 3.57
N LYS A 495 -21.33 -12.20 4.63
CA LYS A 495 -22.02 -13.47 4.88
C LYS A 495 -21.05 -14.62 5.13
N VAL A 496 -19.83 -14.33 5.55
CA VAL A 496 -18.79 -15.33 5.74
C VAL A 496 -18.12 -15.09 7.09
N VAL A 497 -17.67 -16.17 7.72
CA VAL A 497 -16.97 -16.07 8.99
C VAL A 497 -15.56 -15.59 8.73
N VAL A 498 -15.22 -14.43 9.30
CA VAL A 498 -13.87 -13.87 9.19
C VAL A 498 -13.12 -13.90 10.51
N GLY A 499 -13.79 -14.20 11.62
CA GLY A 499 -13.12 -14.29 12.91
C GLY A 499 -13.89 -15.19 13.84
N ILE A 500 -13.17 -15.84 14.75
CA ILE A 500 -13.76 -16.75 15.72
C ILE A 500 -13.10 -16.50 17.08
N VAL A 501 -13.92 -16.49 18.13
CA VAL A 501 -13.45 -16.47 19.51
C VAL A 501 -13.92 -17.75 20.19
N LEU A 502 -12.99 -18.46 20.81
CA LEU A 502 -13.29 -19.66 21.57
C LEU A 502 -13.17 -19.35 23.05
N TRP A 503 -14.25 -19.57 23.80
CA TRP A 503 -14.31 -19.29 25.23
C TRP A 503 -14.25 -20.61 25.97
N ASN A 504 -13.10 -20.91 26.58
CA ASN A 504 -12.90 -22.12 27.37
C ASN A 504 -13.04 -23.38 26.50
N ILE A 505 -12.58 -23.28 25.25
CA ILE A 505 -12.52 -24.42 24.35
C ILE A 505 -11.11 -24.47 23.78
N PHE A 506 -10.40 -25.56 24.05
CA PHE A 506 -8.98 -25.66 23.74
C PHE A 506 -8.73 -26.80 22.76
N ASN A 507 -7.58 -26.73 22.09
CA ASN A 507 -7.15 -27.77 21.16
C ASN A 507 -8.09 -27.89 19.96
N ARG A 508 -8.70 -26.78 19.56
CA ARG A 508 -9.57 -26.79 18.39
C ARG A 508 -9.33 -25.58 17.48
N MET A 509 -8.19 -24.91 17.63
CA MET A 509 -7.88 -23.80 16.74
C MET A 509 -7.74 -24.23 15.28
N PRO A 510 -7.18 -25.41 14.95
CA PRO A 510 -7.16 -25.82 13.55
C PRO A 510 -8.53 -25.89 12.92
N ILE A 511 -9.56 -26.24 13.71
CA ILE A 511 -10.92 -26.26 13.18
C ILE A 511 -11.38 -24.85 12.84
N ALA A 512 -11.21 -23.92 13.79
CA ALA A 512 -11.56 -22.52 13.53
C ALA A 512 -10.76 -21.97 12.36
N ARG A 513 -9.49 -22.35 12.25
CA ARG A 513 -8.68 -21.87 11.14
C ARG A 513 -9.23 -22.35 9.81
N LYS A 514 -9.73 -23.59 9.75
CA LYS A 514 -10.24 -24.11 8.50
C LYS A 514 -11.57 -23.47 8.11
N ILE A 515 -12.41 -23.14 9.10
CA ILE A 515 -13.68 -22.48 8.81
C ILE A 515 -13.41 -21.14 8.12
N ILE A 516 -12.46 -20.37 8.66
CA ILE A 516 -12.15 -19.07 8.08
C ILE A 516 -11.51 -19.22 6.71
N LYS A 517 -10.71 -20.27 6.52
CA LYS A 517 -10.06 -20.49 5.23
C LYS A 517 -11.08 -20.87 4.16
N ASP A 518 -12.01 -21.77 4.49
CA ASP A 518 -12.95 -22.26 3.48
C ASP A 518 -13.84 -21.14 2.93
N GLY A 519 -14.13 -20.14 3.75
CA GLY A 519 -14.95 -19.03 3.28
C GLY A 519 -16.31 -19.47 2.81
N GLU A 520 -16.95 -20.38 3.57
CA GLU A 520 -18.25 -20.90 3.20
C GLU A 520 -19.35 -20.09 3.85
N GLN A 521 -20.47 -19.92 3.13
CA GLN A 521 -21.64 -19.23 3.65
C GLN A 521 -22.50 -20.26 4.38
N HIS A 522 -22.34 -20.32 5.70
CA HIS A 522 -23.01 -21.35 6.47
C HIS A 522 -24.50 -21.02 6.62
N GLU A 523 -25.34 -22.03 6.43
CA GLU A 523 -26.78 -21.87 6.60
C GLU A 523 -27.21 -21.92 8.06
N ASP A 524 -26.35 -22.42 8.96
CA ASP A 524 -26.71 -22.51 10.38
C ASP A 524 -25.41 -22.58 11.18
N LEU A 525 -25.12 -21.51 11.92
CA LEU A 525 -23.90 -21.48 12.72
C LEU A 525 -24.01 -22.34 13.98
N ASN A 526 -25.22 -22.71 14.40
CA ASN A 526 -25.36 -23.63 15.52
C ASN A 526 -24.80 -25.00 15.18
N GLU A 527 -25.01 -25.45 13.93
CA GLU A 527 -24.39 -26.69 13.48
C GLU A 527 -22.87 -26.56 13.45
N VAL A 528 -22.37 -25.41 13.01
CA VAL A 528 -20.93 -25.17 13.01
C VAL A 528 -20.38 -25.22 14.43
N ALA A 529 -21.17 -24.75 15.40
CA ALA A 529 -20.71 -24.76 16.79
C ALA A 529 -20.48 -26.18 17.29
N LYS A 530 -21.17 -27.17 16.72
CA LYS A 530 -20.94 -28.55 17.10
C LYS A 530 -19.53 -29.01 16.77
N LEU A 531 -18.88 -28.35 15.81
CA LEU A 531 -17.49 -28.64 15.52
C LEU A 531 -16.59 -28.32 16.71
N PHE A 532 -17.04 -27.44 17.60
CA PHE A 532 -16.32 -27.09 18.82
C PHE A 532 -16.92 -27.77 20.05
N ASN A 533 -17.67 -28.85 19.85
CA ASN A 533 -18.25 -29.62 20.95
C ASN A 533 -19.24 -28.77 21.75
N ILE A 534 -19.99 -27.92 21.05
CA ILE A 534 -21.04 -27.12 21.64
C ILE A 534 -22.37 -27.65 21.10
N HIS A 535 -23.18 -28.22 22.00
CA HIS A 535 -24.45 -28.82 21.60
C HIS A 535 -25.59 -28.29 22.45
N ASP B 50 -1.03 -16.63 -34.38
CA ASP B 50 0.18 -17.27 -33.87
C ASP B 50 -0.12 -18.08 -32.61
N LYS B 51 0.62 -19.17 -32.42
CA LYS B 51 0.46 -20.02 -31.24
C LYS B 51 1.36 -19.51 -30.13
N ALA B 52 0.85 -19.57 -28.90
CA ALA B 52 1.58 -19.09 -27.74
C ALA B 52 2.44 -20.22 -27.17
N PRO B 53 3.72 -20.00 -26.90
CA PRO B 53 4.51 -21.05 -26.25
C PRO B 53 3.99 -21.34 -24.85
N SER B 54 4.23 -22.58 -24.40
CA SER B 54 3.76 -22.97 -23.08
C SER B 54 4.52 -22.26 -21.97
N HIS B 55 5.75 -21.85 -22.22
CA HIS B 55 6.55 -21.18 -21.21
C HIS B 55 7.38 -20.08 -21.87
N VAL B 56 7.56 -18.98 -21.15
CA VAL B 56 8.40 -17.87 -21.60
C VAL B 56 9.09 -17.25 -20.40
N PRO B 57 10.37 -16.89 -20.48
CA PRO B 57 11.02 -16.27 -19.31
C PRO B 57 10.38 -14.97 -18.88
N PHE B 58 10.12 -14.05 -19.80
CA PHE B 58 9.55 -12.74 -19.51
C PHE B 58 8.21 -12.61 -20.21
N LEU B 59 7.15 -12.48 -19.43
CA LEU B 59 5.79 -12.29 -19.94
C LEU B 59 5.33 -10.88 -19.58
N LEU B 60 4.93 -10.11 -20.59
CA LEU B 60 4.40 -8.76 -20.40
C LEU B 60 2.94 -8.76 -20.82
N ILE B 61 2.05 -8.43 -19.88
CA ILE B 61 0.61 -8.44 -20.12
C ILE B 61 0.19 -7.03 -20.54
N GLY B 62 -0.25 -6.90 -21.78
CA GLY B 62 -0.58 -5.61 -22.36
C GLY B 62 0.50 -5.22 -23.34
N GLY B 63 0.07 -4.66 -24.48
CA GLY B 63 1.01 -4.33 -25.54
C GLY B 63 1.10 -2.85 -25.83
N GLY B 64 1.20 -2.04 -24.78
CA GLY B 64 1.28 -0.61 -24.95
C GLY B 64 2.65 -0.03 -24.70
N THR B 65 2.71 1.21 -24.24
CA THR B 65 3.98 1.91 -24.09
C THR B 65 4.82 1.29 -22.98
N ALA B 66 4.21 1.03 -21.82
CA ALA B 66 4.97 0.48 -20.70
C ALA B 66 5.53 -0.90 -21.04
N ALA B 67 4.74 -1.74 -21.70
CA ALA B 67 5.21 -3.05 -22.09
C ALA B 67 6.40 -2.96 -23.03
N PHE B 68 6.29 -2.13 -24.07
CA PHE B 68 7.39 -2.03 -25.03
C PHE B 68 8.65 -1.52 -24.36
N ALA B 69 8.53 -0.48 -23.53
CA ALA B 69 9.70 0.05 -22.85
C ALA B 69 10.33 -1.00 -21.95
N ALA B 70 9.51 -1.83 -21.31
CA ALA B 70 10.05 -2.92 -20.49
C ALA B 70 10.76 -3.96 -21.36
N ALA B 71 10.16 -4.31 -22.50
CA ALA B 71 10.79 -5.28 -23.40
C ALA B 71 12.14 -4.77 -23.88
N ARG B 72 12.21 -3.50 -24.28
CA ARG B 72 13.48 -2.91 -24.69
C ARG B 72 14.49 -2.94 -23.54
N SER B 73 14.03 -2.61 -22.33
CA SER B 73 14.90 -2.60 -21.17
C SER B 73 15.41 -4.00 -20.83
N ILE B 74 14.51 -4.98 -20.85
CA ILE B 74 14.92 -6.36 -20.56
C ILE B 74 15.97 -6.81 -21.56
N ARG B 75 15.74 -6.54 -22.85
CA ARG B 75 16.67 -6.97 -23.88
C ARG B 75 18.02 -6.28 -23.75
N ALA B 76 18.02 -5.01 -23.34
CA ALA B 76 19.29 -4.29 -23.21
C ALA B 76 20.13 -4.85 -22.06
N ARG B 77 19.49 -5.34 -21.01
CA ARG B 77 20.22 -5.87 -19.86
C ARG B 77 20.48 -7.36 -19.96
N ASP B 78 19.65 -8.09 -20.70
CA ASP B 78 19.80 -9.53 -20.90
C ASP B 78 19.75 -9.78 -22.40
N PRO B 79 20.90 -9.66 -23.09
CA PRO B 79 20.88 -9.70 -24.56
C PRO B 79 20.26 -10.96 -25.16
N GLY B 80 20.18 -12.05 -24.41
CA GLY B 80 19.55 -13.25 -24.92
C GLY B 80 18.14 -13.44 -24.43
N ALA B 81 17.54 -12.39 -23.88
CA ALA B 81 16.24 -12.52 -23.24
C ALA B 81 15.16 -12.89 -24.24
N ARG B 82 14.23 -13.73 -23.80
CA ARG B 82 13.06 -14.12 -24.58
C ARG B 82 11.85 -13.49 -23.91
N VAL B 83 11.25 -12.50 -24.58
CA VAL B 83 10.19 -11.69 -24.02
C VAL B 83 8.94 -11.88 -24.86
N LEU B 84 7.83 -12.22 -24.21
CA LEU B 84 6.54 -12.34 -24.87
C LEU B 84 5.61 -11.23 -24.39
N ILE B 85 5.07 -10.46 -25.32
CA ILE B 85 4.04 -9.47 -25.04
C ILE B 85 2.71 -10.05 -25.49
N VAL B 86 1.73 -10.04 -24.60
CA VAL B 86 0.36 -10.46 -24.90
C VAL B 86 -0.49 -9.20 -24.97
N SER B 87 -1.10 -8.97 -26.14
CA SER B 87 -1.83 -7.73 -26.41
C SER B 87 -3.22 -8.07 -26.92
N GLU B 88 -4.25 -7.60 -26.22
CA GLU B 88 -5.62 -7.83 -26.69
C GLU B 88 -5.91 -7.05 -27.96
N ASP B 89 -5.22 -5.92 -28.17
CA ASP B 89 -5.40 -5.17 -29.40
C ASP B 89 -4.75 -5.91 -30.56
N PRO B 90 -5.24 -5.70 -31.79
CA PRO B 90 -4.62 -6.36 -32.96
C PRO B 90 -3.36 -5.68 -33.46
N GLU B 91 -3.02 -4.51 -32.97
CA GLU B 91 -1.87 -3.75 -33.47
C GLU B 91 -0.63 -4.01 -32.62
N LEU B 92 0.53 -3.89 -33.25
CA LEU B 92 1.78 -3.93 -32.52
C LEU B 92 1.92 -2.67 -31.67
N PRO B 93 2.80 -2.68 -30.67
CA PRO B 93 2.91 -1.53 -29.76
C PRO B 93 3.12 -0.23 -30.51
N TYR B 94 2.40 0.80 -30.08
CA TYR B 94 2.51 2.13 -30.68
C TYR B 94 2.22 3.18 -29.62
N MET B 95 2.75 4.38 -29.85
CA MET B 95 2.52 5.51 -28.97
C MET B 95 1.22 6.20 -29.34
N ARG B 96 0.54 6.73 -28.32
CA ARG B 96 -0.80 7.30 -28.48
C ARG B 96 -0.79 8.83 -28.66
N PRO B 97 0.17 9.57 -28.12
CA PRO B 97 0.10 11.03 -28.20
C PRO B 97 -0.13 11.54 -29.61
N PRO B 98 0.49 10.94 -30.63
CA PRO B 98 0.24 11.42 -32.00
C PRO B 98 -1.21 11.30 -32.44
N LEU B 99 -2.00 10.42 -31.82
CA LEU B 99 -3.38 10.21 -32.23
C LEU B 99 -4.26 11.44 -32.01
N SER B 100 -3.85 12.36 -31.12
CA SER B 100 -4.61 13.57 -30.86
C SER B 100 -3.87 14.82 -31.30
N LYS B 101 -2.72 14.68 -31.98
CA LYS B 101 -1.90 15.83 -32.33
C LYS B 101 -1.28 15.68 -33.72
N GLU B 102 -0.07 15.12 -33.80
CA GLU B 102 0.69 15.20 -35.04
C GLU B 102 -0.07 14.60 -36.21
N LEU B 103 -0.80 13.50 -35.99
CA LEU B 103 -1.51 12.87 -37.10
C LEU B 103 -2.61 13.75 -37.67
N TRP B 104 -3.10 14.72 -36.90
CA TRP B 104 -4.11 15.64 -37.41
C TRP B 104 -3.50 16.82 -38.16
N PHE B 105 -2.23 17.13 -37.89
CA PHE B 105 -1.54 18.24 -38.54
C PHE B 105 -0.55 17.76 -39.61
N SER B 106 -0.67 16.51 -40.05
CA SER B 106 0.25 15.99 -41.05
C SER B 106 -0.04 16.60 -42.42
N ASP B 107 1.03 16.79 -43.19
CA ASP B 107 0.89 17.25 -44.57
C ASP B 107 0.53 16.12 -45.53
N ASP B 108 0.85 14.89 -45.18
CA ASP B 108 0.56 13.77 -46.05
C ASP B 108 -0.94 13.46 -46.00
N PRO B 109 -1.65 13.52 -47.13
CA PRO B 109 -3.09 13.19 -47.10
C PRO B 109 -3.39 11.72 -46.90
N ASN B 110 -2.38 10.84 -46.94
CA ASN B 110 -2.54 9.43 -46.65
C ASN B 110 -2.18 9.09 -45.21
N VAL B 111 -2.14 10.09 -44.32
CA VAL B 111 -1.69 9.87 -42.96
C VAL B 111 -2.56 8.85 -42.24
N THR B 112 -3.85 8.78 -42.57
CA THR B 112 -4.72 7.79 -41.95
C THR B 112 -4.29 6.37 -42.29
N LYS B 113 -3.59 6.18 -43.41
CA LYS B 113 -3.11 4.87 -43.81
C LYS B 113 -1.68 4.62 -43.36
N THR B 114 -0.79 5.61 -43.54
CA THR B 114 0.62 5.43 -43.20
C THR B 114 0.86 5.50 -41.69
N LEU B 115 0.10 6.32 -40.98
CA LEU B 115 0.31 6.54 -39.55
C LEU B 115 1.73 7.03 -39.29
N ARG B 116 2.25 7.86 -40.19
CA ARG B 116 3.56 8.48 -40.04
C ARG B 116 3.39 9.98 -39.85
N PHE B 117 4.35 10.59 -39.15
CA PHE B 117 4.28 12.01 -38.83
C PHE B 117 5.69 12.55 -38.65
N LYS B 118 5.82 13.86 -38.82
CA LYS B 118 7.08 14.55 -38.58
C LYS B 118 7.13 15.02 -37.13
N GLN B 119 8.25 14.77 -36.47
CA GLN B 119 8.43 15.19 -35.09
C GLN B 119 8.87 16.66 -35.05
N ALA B 120 9.02 17.19 -33.83
CA ALA B 120 9.53 18.55 -33.68
C ALA B 120 10.90 18.69 -34.32
N ASN B 121 11.75 17.67 -34.19
CA ASN B 121 13.04 17.67 -34.86
C ASN B 121 12.91 17.72 -36.37
N GLY B 122 11.73 17.40 -36.90
CA GLY B 122 11.50 17.39 -38.34
C GLY B 122 11.65 16.02 -38.97
N LYS B 123 12.13 15.03 -38.23
CA LYS B 123 12.31 13.69 -38.77
C LYS B 123 10.99 12.94 -38.72
N GLU B 124 10.62 12.32 -39.84
CA GLU B 124 9.40 11.55 -39.93
C GLU B 124 9.58 10.19 -39.24
N ARG B 125 8.51 9.72 -38.61
CA ARG B 125 8.53 8.41 -37.98
C ARG B 125 7.11 7.85 -37.96
N SER B 126 7.02 6.59 -37.54
CA SER B 126 5.75 5.90 -37.38
C SER B 126 5.26 6.02 -35.94
N ILE B 127 3.94 5.86 -35.77
CA ILE B 127 3.40 5.78 -34.41
C ILE B 127 3.88 4.51 -33.73
N TYR B 128 4.13 3.46 -34.51
CA TYR B 128 4.61 2.20 -33.93
C TYR B 128 6.01 2.39 -33.37
N PHE B 129 6.23 1.81 -32.19
CA PHE B 129 7.54 1.93 -31.56
C PHE B 129 8.61 1.28 -32.42
N GLN B 130 8.29 0.16 -33.06
CA GLN B 130 9.22 -0.56 -33.91
C GLN B 130 8.46 -1.18 -35.07
N PRO B 131 9.11 -1.38 -36.22
CA PRO B 131 8.45 -2.08 -37.33
C PRO B 131 8.36 -3.56 -37.02
N PRO B 132 7.50 -4.29 -37.74
CA PRO B 132 7.37 -5.74 -37.50
C PRO B 132 8.69 -6.49 -37.53
N SER B 133 9.66 -6.05 -38.34
CA SER B 133 10.93 -6.75 -38.44
C SER B 133 11.68 -6.80 -37.12
N PHE B 134 11.36 -5.90 -36.19
CA PHE B 134 12.03 -5.90 -34.90
C PHE B 134 11.59 -7.07 -34.04
N TYR B 135 10.37 -7.58 -34.26
CA TYR B 135 9.80 -8.65 -33.45
C TYR B 135 10.01 -10.01 -34.09
N VAL B 136 9.93 -11.05 -33.26
CA VAL B 136 9.88 -12.43 -33.69
C VAL B 136 8.51 -13.00 -33.37
N SER B 137 8.17 -14.11 -34.00
CA SER B 137 6.90 -14.76 -33.74
C SER B 137 6.94 -15.48 -32.39
N ALA B 138 5.78 -15.56 -31.75
CA ALA B 138 5.70 -16.23 -30.46
C ALA B 138 6.05 -17.71 -30.56
N GLN B 139 5.74 -18.34 -31.70
CA GLN B 139 6.05 -19.76 -31.85
C GLN B 139 7.56 -20.00 -31.90
N ASP B 140 8.29 -19.13 -32.60
CA ASP B 140 9.73 -19.28 -32.76
C ASP B 140 10.52 -18.69 -31.60
N LEU B 141 9.86 -17.95 -30.70
CA LEU B 141 10.56 -17.29 -29.60
C LEU B 141 11.43 -18.24 -28.79
N PRO B 142 10.97 -19.43 -28.39
CA PRO B 142 11.83 -20.31 -27.58
C PRO B 142 12.94 -21.00 -28.37
N HIS B 143 13.00 -20.82 -29.69
CA HIS B 143 13.99 -21.50 -30.52
C HIS B 143 15.00 -20.56 -31.16
N ILE B 144 14.64 -19.31 -31.43
CA ILE B 144 15.53 -18.41 -32.14
C ILE B 144 16.79 -18.16 -31.31
N GLU B 145 17.93 -18.12 -31.99
CA GLU B 145 19.19 -17.83 -31.32
C GLU B 145 19.18 -16.42 -30.75
N ASN B 146 19.67 -16.30 -29.51
CA ASN B 146 19.73 -15.02 -28.80
C ASN B 146 18.35 -14.43 -28.54
N GLY B 147 17.30 -15.25 -28.59
CA GLY B 147 15.97 -14.81 -28.20
C GLY B 147 15.48 -13.62 -29.02
N GLY B 148 14.58 -12.86 -28.39
CA GLY B 148 13.99 -11.71 -29.05
C GLY B 148 12.73 -11.27 -28.31
N VAL B 149 11.94 -10.46 -29.00
CA VAL B 149 10.68 -9.93 -28.46
C VAL B 149 9.57 -10.33 -29.42
N ALA B 150 8.56 -11.02 -28.90
CA ALA B 150 7.39 -11.41 -29.67
C ALA B 150 6.15 -10.76 -29.09
N VAL B 151 5.17 -10.50 -29.96
CA VAL B 151 3.90 -9.90 -29.59
C VAL B 151 2.79 -10.83 -30.05
N LEU B 152 1.99 -11.31 -29.10
CA LEU B 152 0.82 -12.14 -29.40
C LEU B 152 -0.38 -11.20 -29.45
N THR B 153 -0.75 -10.77 -30.65
CA THR B 153 -1.83 -9.81 -30.81
C THR B 153 -3.18 -10.51 -30.80
N GLY B 154 -4.22 -9.72 -30.53
CA GLY B 154 -5.57 -10.25 -30.49
C GLY B 154 -5.81 -11.28 -29.41
N LYS B 155 -5.01 -11.28 -28.36
CA LYS B 155 -5.17 -12.21 -27.25
C LYS B 155 -5.20 -11.44 -25.94
N LYS B 156 -6.12 -11.83 -25.07
CA LYS B 156 -6.30 -11.20 -23.77
C LYS B 156 -5.98 -12.20 -22.67
N VAL B 157 -5.15 -11.78 -21.70
CA VAL B 157 -4.96 -12.56 -20.48
C VAL B 157 -6.19 -12.37 -19.62
N VAL B 158 -6.88 -13.47 -19.31
CA VAL B 158 -8.12 -13.41 -18.54
C VAL B 158 -7.97 -14.01 -17.14
N GLN B 159 -6.87 -14.71 -16.85
CA GLN B 159 -6.65 -15.26 -15.52
C GLN B 159 -5.17 -15.23 -15.20
N LEU B 160 -4.86 -14.89 -13.94
CA LEU B 160 -3.49 -14.81 -13.46
C LEU B 160 -3.36 -15.70 -12.23
N ASP B 161 -2.47 -16.69 -12.31
CA ASP B 161 -2.22 -17.63 -11.22
C ASP B 161 -0.84 -17.32 -10.64
N VAL B 162 -0.80 -16.51 -9.58
CA VAL B 162 0.46 -16.07 -9.01
C VAL B 162 1.24 -17.25 -8.45
N ARG B 163 0.55 -18.18 -7.78
CA ARG B 163 1.24 -19.29 -7.15
C ARG B 163 1.99 -20.14 -8.16
N ASP B 164 1.39 -20.40 -9.32
CA ASP B 164 1.98 -21.26 -10.34
C ASP B 164 2.69 -20.49 -11.44
N ASN B 165 2.79 -19.16 -11.31
CA ASN B 165 3.43 -18.33 -12.32
C ASN B 165 2.87 -18.63 -13.70
N MET B 166 1.54 -18.57 -13.81
CA MET B 166 0.85 -18.99 -15.03
C MET B 166 -0.30 -18.04 -15.33
N VAL B 167 -0.52 -17.78 -16.62
CA VAL B 167 -1.66 -17.01 -17.09
C VAL B 167 -2.47 -17.89 -18.02
N LYS B 168 -3.74 -17.52 -18.17
CA LYS B 168 -4.65 -18.18 -19.09
C LYS B 168 -5.24 -17.13 -20.03
N LEU B 169 -5.19 -17.40 -21.33
CA LEU B 169 -5.69 -16.48 -22.33
C LEU B 169 -7.17 -16.71 -22.60
N ASN B 170 -7.77 -15.80 -23.36
CA ASN B 170 -9.19 -15.89 -23.67
C ASN B 170 -9.53 -17.11 -24.53
N ASP B 171 -8.54 -17.71 -25.18
CA ASP B 171 -8.76 -18.90 -26.01
C ASP B 171 -8.44 -20.19 -25.27
N GLY B 172 -8.20 -20.12 -23.96
CA GLY B 172 -7.88 -21.29 -23.18
C GLY B 172 -6.41 -21.62 -23.09
N SER B 173 -5.56 -20.95 -23.87
CA SER B 173 -4.12 -21.21 -23.79
C SER B 173 -3.59 -20.85 -22.41
N GLN B 174 -2.62 -21.63 -21.95
CA GLN B 174 -1.93 -21.39 -20.69
C GLN B 174 -0.46 -21.15 -20.95
N ILE B 175 0.10 -20.15 -20.27
CA ILE B 175 1.49 -19.76 -20.42
C ILE B 175 2.09 -19.60 -19.05
N THR B 176 3.15 -20.35 -18.76
CA THR B 176 3.92 -20.14 -17.54
C THR B 176 5.02 -19.12 -17.82
N TYR B 177 5.44 -18.43 -16.76
CA TYR B 177 6.45 -17.40 -16.87
C TYR B 177 7.41 -17.52 -15.69
N GLU B 178 8.59 -16.92 -15.86
CA GLU B 178 9.51 -16.73 -14.75
C GLU B 178 9.40 -15.34 -14.15
N LYS B 179 9.09 -14.34 -14.96
CA LYS B 179 8.88 -12.99 -14.46
C LYS B 179 7.82 -12.33 -15.32
N CYS B 180 6.92 -11.59 -14.66
CA CYS B 180 5.73 -11.05 -15.32
C CYS B 180 5.60 -9.57 -15.05
N LEU B 181 5.24 -8.83 -16.09
CA LEU B 181 4.90 -7.41 -15.98
C LEU B 181 3.43 -7.23 -16.36
N ILE B 182 2.67 -6.60 -15.48
CA ILE B 182 1.31 -6.18 -15.79
C ILE B 182 1.39 -4.74 -16.29
N ALA B 183 1.06 -4.52 -17.57
CA ALA B 183 1.04 -3.20 -18.17
C ALA B 183 -0.25 -3.05 -18.98
N THR B 184 -1.38 -3.21 -18.30
CA THR B 184 -2.70 -3.25 -18.94
C THR B 184 -3.31 -1.88 -19.18
N GLY B 185 -2.65 -0.81 -18.75
CA GLY B 185 -3.19 0.52 -18.99
C GLY B 185 -4.55 0.71 -18.35
N GLY B 186 -5.43 1.41 -19.06
CA GLY B 186 -6.75 1.69 -18.56
C GLY B 186 -7.77 1.75 -19.68
N THR B 187 -9.04 1.84 -19.28
CA THR B 187 -10.16 1.94 -20.19
C THR B 187 -10.83 3.30 -20.05
N PRO B 188 -11.20 3.95 -21.15
CA PRO B 188 -11.83 5.28 -21.05
C PRO B 188 -13.16 5.22 -20.31
N ARG B 189 -13.38 6.20 -19.45
CA ARG B 189 -14.66 6.31 -18.78
C ARG B 189 -15.74 6.80 -19.76
N SER B 190 -16.99 6.53 -19.41
CA SER B 190 -18.13 7.03 -20.14
C SER B 190 -18.95 7.96 -19.23
N LEU B 191 -19.95 8.60 -19.83
CA LEU B 191 -20.85 9.48 -19.10
C LEU B 191 -22.12 8.71 -18.73
N SER B 192 -22.62 8.96 -17.52
CA SER B 192 -23.89 8.35 -17.12
C SER B 192 -25.00 8.77 -18.07
N ALA B 193 -24.99 10.02 -18.52
CA ALA B 193 -26.01 10.50 -19.45
C ALA B 193 -25.98 9.71 -20.76
N ILE B 194 -24.80 9.33 -21.22
CA ILE B 194 -24.70 8.56 -22.45
C ILE B 194 -25.01 7.08 -22.20
N ASP B 195 -24.71 6.57 -21.01
CA ASP B 195 -25.09 5.20 -20.68
C ASP B 195 -26.61 5.07 -20.60
N ARG B 196 -27.28 6.10 -20.08
CA ARG B 196 -28.75 6.09 -20.00
C ARG B 196 -29.40 6.38 -21.34
N ALA B 197 -28.67 6.93 -22.30
CA ALA B 197 -29.25 7.24 -23.60
C ALA B 197 -29.47 5.95 -24.40
N GLY B 198 -30.02 6.10 -25.60
CA GLY B 198 -30.35 4.97 -26.43
C GLY B 198 -29.14 4.37 -27.13
N ALA B 199 -29.41 3.38 -27.97
CA ALA B 199 -28.35 2.73 -28.72
C ALA B 199 -27.80 3.62 -29.82
N GLU B 200 -28.65 4.45 -30.44
CA GLU B 200 -28.18 5.35 -31.48
C GLU B 200 -27.19 6.36 -30.93
N VAL B 201 -27.45 6.87 -29.72
CA VAL B 201 -26.52 7.81 -29.10
C VAL B 201 -25.18 7.14 -28.84
N LYS B 202 -25.20 5.92 -28.29
CA LYS B 202 -23.96 5.21 -28.03
C LYS B 202 -23.19 4.97 -29.33
N SER B 203 -23.89 4.64 -30.41
CA SER B 203 -23.23 4.38 -31.68
C SER B 203 -22.60 5.64 -32.27
N ARG B 204 -23.06 6.82 -31.85
CA ARG B 204 -22.52 8.09 -32.31
C ARG B 204 -21.69 8.79 -31.25
N THR B 205 -21.16 8.03 -30.28
CA THR B 205 -20.28 8.55 -29.26
C THR B 205 -18.95 7.82 -29.34
N THR B 206 -17.85 8.58 -29.39
CA THR B 206 -16.51 8.03 -29.54
C THR B 206 -15.75 8.18 -28.24
N LEU B 207 -15.13 7.09 -27.79
CA LEU B 207 -14.19 7.12 -26.68
C LEU B 207 -12.79 7.01 -27.29
N PHE B 208 -12.06 8.11 -27.29
CA PHE B 208 -10.86 8.26 -28.09
C PHE B 208 -9.68 7.68 -27.32
N ARG B 209 -9.10 6.59 -27.85
CA ARG B 209 -7.97 5.94 -27.21
C ARG B 209 -7.02 5.30 -28.20
N LYS B 210 -7.55 4.65 -29.23
CA LYS B 210 -6.77 3.78 -30.09
C LYS B 210 -6.71 4.31 -31.52
N ILE B 211 -5.91 3.61 -32.34
CA ILE B 211 -5.80 3.93 -33.77
C ILE B 211 -7.18 3.93 -34.41
N GLY B 212 -7.99 2.91 -34.11
CA GLY B 212 -9.32 2.83 -34.69
C GLY B 212 -10.17 4.05 -34.38
N ASP B 213 -9.98 4.64 -33.20
CA ASP B 213 -10.75 5.83 -32.85
C ASP B 213 -10.31 7.03 -33.68
N PHE B 214 -8.99 7.18 -33.89
CA PHE B 214 -8.51 8.24 -34.76
C PHE B 214 -9.04 8.08 -36.18
N ARG B 215 -9.04 6.85 -36.70
CA ARG B 215 -9.49 6.63 -38.06
C ARG B 215 -10.99 6.87 -38.20
N SER B 216 -11.79 6.41 -37.23
CA SER B 216 -13.23 6.63 -37.32
C SER B 216 -13.58 8.10 -37.15
N LEU B 217 -12.91 8.78 -36.21
CA LEU B 217 -13.22 10.19 -35.97
C LEU B 217 -12.74 11.06 -37.12
N GLU B 218 -11.55 10.78 -37.66
CA GLU B 218 -11.06 11.56 -38.79
C GLU B 218 -12.01 11.46 -39.98
N LYS B 219 -12.52 10.26 -40.25
CA LYS B 219 -13.46 10.09 -41.34
C LYS B 219 -14.78 10.81 -41.04
N ILE B 220 -15.23 10.75 -39.79
CA ILE B 220 -16.46 11.43 -39.40
C ILE B 220 -16.32 12.94 -39.58
N SER B 221 -15.16 13.49 -39.22
CA SER B 221 -14.95 14.92 -39.34
C SER B 221 -15.09 15.40 -40.78
N ARG B 222 -14.93 14.50 -41.76
CA ARG B 222 -15.08 14.84 -43.16
C ARG B 222 -16.50 14.60 -43.67
N GLU B 223 -17.39 14.06 -42.83
CA GLU B 223 -18.73 13.70 -43.23
C GLU B 223 -19.83 14.46 -42.52
N VAL B 224 -19.62 14.88 -41.28
CA VAL B 224 -20.64 15.58 -40.51
C VAL B 224 -20.26 17.05 -40.40
N LYS B 225 -21.21 17.86 -39.91
CA LYS B 225 -21.03 19.30 -39.80
C LYS B 225 -20.75 19.76 -38.37
N SER B 226 -21.06 18.94 -37.37
CA SER B 226 -20.90 19.35 -35.96
C SER B 226 -20.42 18.17 -35.15
N ILE B 227 -19.29 18.35 -34.46
CA ILE B 227 -18.76 17.39 -33.51
C ILE B 227 -18.62 18.07 -32.16
N THR B 228 -19.10 17.41 -31.11
CA THR B 228 -19.02 17.94 -29.75
C THR B 228 -18.07 17.08 -28.92
N ILE B 229 -17.10 17.73 -28.28
CA ILE B 229 -16.17 17.08 -27.37
C ILE B 229 -16.63 17.35 -25.95
N ILE B 230 -16.79 16.29 -25.15
CA ILE B 230 -17.15 16.41 -23.75
C ILE B 230 -15.92 16.08 -22.92
N GLY B 231 -15.44 17.08 -22.17
CA GLY B 231 -14.24 16.93 -21.37
C GLY B 231 -13.28 18.08 -21.58
N GLY B 232 -12.82 18.67 -20.49
CA GLY B 232 -11.91 19.81 -20.54
C GLY B 232 -10.46 19.49 -20.29
N GLY B 233 -10.11 18.22 -20.12
CA GLY B 233 -8.74 17.84 -19.89
C GLY B 233 -7.87 18.07 -21.12
N PHE B 234 -6.64 17.57 -21.04
CA PHE B 234 -5.69 17.77 -22.12
C PHE B 234 -6.11 17.03 -23.39
N LEU B 235 -6.67 15.82 -23.25
CA LEU B 235 -7.09 15.08 -24.43
C LEU B 235 -8.23 15.79 -25.14
N GLY B 236 -9.28 16.16 -24.41
CA GLY B 236 -10.39 16.86 -25.03
C GLY B 236 -9.95 18.17 -25.67
N SER B 237 -9.02 18.89 -25.04
CA SER B 237 -8.58 20.16 -25.58
C SER B 237 -7.72 19.95 -26.83
N GLU B 238 -6.87 18.92 -26.83
CA GLU B 238 -6.06 18.64 -28.01
C GLU B 238 -6.94 18.24 -29.20
N LEU B 239 -7.94 17.39 -28.97
CA LEU B 239 -8.84 17.02 -30.05
C LEU B 239 -9.62 18.23 -30.55
N ALA B 240 -9.97 19.15 -29.65
CA ALA B 240 -10.68 20.36 -30.07
C ALA B 240 -9.83 21.19 -31.01
N CYS B 241 -8.54 21.38 -30.68
CA CYS B 241 -7.66 22.12 -31.57
C CYS B 241 -7.47 21.38 -32.89
N ALA B 242 -7.37 20.05 -32.84
CA ALA B 242 -7.23 19.27 -34.07
C ALA B 242 -8.48 19.41 -34.94
N LEU B 243 -9.65 19.13 -34.37
CA LEU B 243 -10.89 19.29 -35.13
C LEU B 243 -11.12 20.75 -35.51
N GLY B 244 -10.67 21.68 -34.67
CA GLY B 244 -10.81 23.09 -35.00
C GLY B 244 -10.04 23.47 -36.24
N ARG B 245 -8.80 22.98 -36.37
CA ARG B 245 -8.02 23.24 -37.57
C ARG B 245 -8.69 22.63 -38.79
N LYS B 246 -9.12 21.37 -38.69
CA LYS B 246 -9.79 20.72 -39.82
C LYS B 246 -11.12 21.39 -40.14
N ALA B 247 -11.79 21.96 -39.14
CA ALA B 247 -13.08 22.58 -39.39
C ALA B 247 -12.94 23.90 -40.13
N ARG B 248 -11.82 24.60 -39.92
CA ARG B 248 -11.62 25.87 -40.62
C ARG B 248 -11.53 25.66 -42.14
N ALA B 249 -10.95 24.55 -42.58
CA ALA B 249 -10.83 24.28 -44.01
C ALA B 249 -12.12 23.72 -44.59
N LEU B 250 -12.92 23.01 -43.79
CA LEU B 250 -14.17 22.43 -44.25
C LEU B 250 -15.39 23.29 -43.92
N GLY B 251 -15.25 24.29 -43.06
CA GLY B 251 -16.39 25.11 -42.68
C GLY B 251 -17.34 24.42 -41.73
N THR B 252 -16.87 23.44 -40.96
CA THR B 252 -17.71 22.70 -40.04
C THR B 252 -17.64 23.29 -38.64
N GLU B 253 -18.34 22.66 -37.70
CA GLU B 253 -18.46 23.15 -36.33
C GLU B 253 -17.80 22.17 -35.37
N VAL B 254 -17.13 22.71 -34.36
CA VAL B 254 -16.51 21.92 -33.29
C VAL B 254 -16.87 22.57 -31.96
N ILE B 255 -17.48 21.79 -31.08
CA ILE B 255 -17.89 22.26 -29.76
C ILE B 255 -17.14 21.49 -28.70
N GLN B 256 -16.72 22.17 -27.64
CA GLN B 256 -16.12 21.56 -26.47
C GLN B 256 -16.83 22.08 -25.23
N LEU B 257 -17.38 21.17 -24.42
CA LEU B 257 -18.07 21.55 -23.20
C LEU B 257 -17.53 20.71 -22.05
N PHE B 258 -17.51 21.33 -20.86
CA PHE B 258 -16.99 20.67 -19.67
C PHE B 258 -17.48 21.44 -18.46
N PRO B 259 -17.50 20.80 -17.28
CA PRO B 259 -18.06 21.48 -16.09
C PRO B 259 -17.14 22.53 -15.48
N GLU B 260 -15.84 22.49 -15.75
CA GLU B 260 -14.93 23.43 -15.12
C GLU B 260 -15.12 24.82 -15.73
N LYS B 261 -14.50 25.82 -15.08
CA LYS B 261 -14.57 27.19 -15.58
C LYS B 261 -13.68 27.42 -16.79
N GLY B 262 -12.73 26.52 -17.05
CA GLY B 262 -11.86 26.65 -18.20
C GLY B 262 -11.18 25.34 -18.49
N ASN B 263 -10.50 25.31 -19.63
CA ASN B 263 -9.77 24.11 -20.03
C ASN B 263 -8.71 23.77 -18.99
N MET B 264 -8.60 22.47 -18.67
CA MET B 264 -7.65 21.97 -17.67
C MET B 264 -7.83 22.69 -16.33
N GLY B 265 -9.09 22.95 -15.97
CA GLY B 265 -9.36 23.63 -14.72
C GLY B 265 -8.84 22.88 -13.50
N LYS B 266 -8.74 21.55 -13.60
CA LYS B 266 -8.23 20.75 -12.50
C LYS B 266 -6.71 20.73 -12.43
N ILE B 267 -6.02 21.21 -13.45
CA ILE B 267 -4.57 21.14 -13.54
C ILE B 267 -3.94 22.52 -13.39
N LEU B 268 -4.37 23.49 -14.21
CA LEU B 268 -3.77 24.81 -14.24
C LEU B 268 -4.51 25.76 -13.31
N PRO B 269 -3.83 26.80 -12.81
CA PRO B 269 -4.55 27.83 -12.06
C PRO B 269 -5.61 28.49 -12.92
N GLU B 270 -6.57 29.13 -12.26
CA GLU B 270 -7.73 29.67 -12.96
C GLU B 270 -7.32 30.63 -14.07
N TYR B 271 -6.40 31.56 -13.77
CA TYR B 271 -6.03 32.56 -14.76
C TYR B 271 -5.37 31.93 -15.97
N LEU B 272 -4.56 30.89 -15.77
CA LEU B 272 -3.90 30.23 -16.89
C LEU B 272 -4.88 29.30 -17.61
N SER B 273 -5.76 28.64 -16.86
CA SER B 273 -6.83 27.86 -17.48
C SER B 273 -7.71 28.74 -18.35
N ASN B 274 -8.07 29.93 -17.85
CA ASN B 274 -8.89 30.84 -18.63
C ASN B 274 -8.17 31.29 -19.90
N TRP B 275 -6.88 31.61 -19.78
CA TRP B 275 -6.12 32.02 -20.96
C TRP B 275 -6.05 30.90 -21.98
N THR B 276 -5.90 29.65 -21.52
CA THR B 276 -5.86 28.52 -22.45
C THR B 276 -7.18 28.37 -23.18
N MET B 277 -8.29 28.60 -22.48
CA MET B 277 -9.61 28.49 -23.12
C MET B 277 -9.73 29.47 -24.29
N GLU B 278 -9.22 30.69 -24.12
CA GLU B 278 -9.28 31.66 -25.21
C GLU B 278 -8.49 31.20 -26.42
N LYS B 279 -7.35 30.55 -26.19
CA LYS B 279 -6.54 30.06 -27.31
C LYS B 279 -7.22 28.90 -28.01
N VAL B 280 -7.86 28.00 -27.26
CA VAL B 280 -8.62 26.92 -27.88
C VAL B 280 -9.78 27.50 -28.68
N ARG B 281 -10.44 28.52 -28.15
CA ARG B 281 -11.53 29.17 -28.87
C ARG B 281 -11.03 29.77 -30.18
N ARG B 282 -9.85 30.38 -30.16
CA ARG B 282 -9.30 30.99 -31.36
C ARG B 282 -8.82 29.96 -32.38
N GLU B 283 -8.78 28.68 -32.02
CA GLU B 283 -8.53 27.62 -32.98
C GLU B 283 -9.80 27.20 -33.72
N GLY B 284 -10.90 27.94 -33.52
CA GLY B 284 -12.15 27.63 -34.19
C GLY B 284 -13.02 26.66 -33.41
N VAL B 285 -13.03 26.80 -32.09
CA VAL B 285 -13.77 25.90 -31.21
C VAL B 285 -14.80 26.71 -30.42
N LYS B 286 -16.02 26.20 -30.37
CA LYS B 286 -17.06 26.76 -29.52
C LYS B 286 -16.93 26.09 -28.15
N VAL B 287 -16.27 26.77 -27.22
CA VAL B 287 -16.01 26.21 -25.90
C VAL B 287 -17.10 26.66 -24.94
N MET B 288 -17.68 25.70 -24.22
CA MET B 288 -18.77 25.95 -23.29
C MET B 288 -18.36 25.49 -21.91
N PRO B 289 -17.73 26.35 -21.11
CA PRO B 289 -17.37 25.96 -19.74
C PRO B 289 -18.62 25.90 -18.86
N ASN B 290 -18.42 25.42 -17.63
CA ASN B 290 -19.49 25.37 -16.64
C ASN B 290 -20.69 24.59 -17.19
N ALA B 291 -20.42 23.53 -17.93
CA ALA B 291 -21.45 22.74 -18.61
C ALA B 291 -21.49 21.35 -18.01
N ILE B 292 -22.65 20.98 -17.45
CA ILE B 292 -22.89 19.66 -16.91
C ILE B 292 -23.99 19.01 -17.75
N VAL B 293 -23.69 17.85 -18.33
CA VAL B 293 -24.65 17.17 -19.19
C VAL B 293 -25.75 16.55 -18.34
N GLN B 294 -27.00 16.89 -18.66
CA GLN B 294 -28.15 16.28 -18.02
C GLN B 294 -28.65 15.05 -18.76
N SER B 295 -28.72 15.11 -20.09
CA SER B 295 -29.19 13.99 -20.90
C SER B 295 -28.73 14.18 -22.33
N VAL B 296 -28.85 13.11 -23.12
CA VAL B 296 -28.50 13.12 -24.53
C VAL B 296 -29.55 12.32 -25.29
N GLY B 297 -30.03 12.88 -26.40
CA GLY B 297 -31.03 12.22 -27.20
C GLY B 297 -30.82 12.54 -28.67
N VAL B 298 -31.69 11.96 -29.51
CA VAL B 298 -31.65 12.14 -30.95
C VAL B 298 -32.88 12.96 -31.35
N SER B 299 -32.66 14.02 -32.12
CA SER B 299 -33.73 14.90 -32.58
C SER B 299 -33.53 15.19 -34.05
N SER B 300 -34.39 14.62 -34.89
CA SER B 300 -34.34 14.83 -36.34
C SER B 300 -32.95 14.46 -36.89
N GLY B 301 -32.46 13.29 -36.48
CA GLY B 301 -31.19 12.79 -36.95
C GLY B 301 -29.98 13.40 -36.27
N LYS B 302 -30.15 14.50 -35.53
CA LYS B 302 -29.05 15.17 -34.84
C LYS B 302 -29.06 14.80 -33.35
N LEU B 303 -27.87 14.77 -32.76
CA LEU B 303 -27.74 14.56 -31.33
C LEU B 303 -28.07 15.85 -30.58
N LEU B 304 -28.90 15.74 -29.55
CA LEU B 304 -29.33 16.88 -28.74
C LEU B 304 -28.81 16.68 -27.32
N ILE B 305 -27.90 17.55 -26.89
CA ILE B 305 -27.30 17.50 -25.57
C ILE B 305 -28.00 18.53 -24.68
N LYS B 306 -28.59 18.06 -23.59
CA LYS B 306 -29.25 18.91 -22.62
C LYS B 306 -28.36 19.09 -21.40
N LEU B 307 -28.10 20.33 -21.03
CA LEU B 307 -27.22 20.67 -19.91
C LEU B 307 -28.04 20.99 -18.67
N LYS B 308 -27.41 20.84 -17.50
CA LYS B 308 -28.11 21.08 -16.25
C LYS B 308 -28.69 22.49 -16.21
N ASP B 309 -28.06 23.44 -16.90
CA ASP B 309 -28.61 24.78 -16.99
C ASP B 309 -29.64 24.81 -18.10
N GLY B 310 -29.96 25.99 -18.62
CA GLY B 310 -30.93 26.08 -19.69
C GLY B 310 -30.39 25.80 -21.08
N ARG B 311 -29.07 25.77 -21.25
CA ARG B 311 -28.49 25.63 -22.57
C ARG B 311 -28.72 24.23 -23.15
N LYS B 312 -28.80 24.18 -24.48
CA LYS B 312 -28.96 22.94 -25.23
C LYS B 312 -28.04 23.00 -26.44
N VAL B 313 -27.45 21.86 -26.80
CA VAL B 313 -26.48 21.78 -27.88
C VAL B 313 -26.95 20.76 -28.89
N GLU B 314 -27.01 21.15 -30.15
CA GLU B 314 -27.29 20.26 -31.27
C GLU B 314 -25.98 19.93 -31.97
N THR B 315 -25.74 18.64 -32.21
CA THR B 315 -24.51 18.21 -32.85
C THR B 315 -24.75 16.88 -33.56
N ASP B 316 -23.79 16.48 -34.39
CA ASP B 316 -23.89 15.26 -35.18
C ASP B 316 -23.12 14.09 -34.58
N HIS B 317 -22.06 14.37 -33.83
CA HIS B 317 -21.25 13.30 -33.25
C HIS B 317 -20.64 13.81 -31.93
N ILE B 318 -20.46 12.88 -31.00
CA ILE B 318 -19.92 13.20 -29.68
C ILE B 318 -18.63 12.44 -29.47
N VAL B 319 -17.63 13.12 -28.91
CA VAL B 319 -16.38 12.51 -28.47
C VAL B 319 -16.25 12.77 -26.98
N ALA B 320 -16.25 11.69 -26.19
CA ALA B 320 -16.15 11.79 -24.74
C ALA B 320 -14.71 11.52 -24.30
N ALA B 321 -14.07 12.54 -23.73
CA ALA B 321 -12.73 12.44 -23.17
C ALA B 321 -12.81 12.84 -21.70
N VAL B 322 -13.32 11.94 -20.87
CA VAL B 322 -13.64 12.27 -19.48
C VAL B 322 -12.92 11.34 -18.51
N GLY B 323 -11.69 10.95 -18.82
CA GLY B 323 -10.85 10.24 -17.88
C GLY B 323 -10.75 8.75 -18.18
N LEU B 324 -9.97 8.09 -17.34
CA LEU B 324 -9.56 6.71 -17.56
C LEU B 324 -9.84 5.87 -16.32
N GLU B 325 -10.15 4.60 -16.55
CA GLU B 325 -10.36 3.63 -15.48
C GLU B 325 -9.28 2.55 -15.57
N PRO B 326 -8.43 2.37 -14.55
CA PRO B 326 -7.37 1.37 -14.65
C PRO B 326 -7.91 -0.03 -14.87
N ASN B 327 -7.27 -0.76 -15.78
CA ASN B 327 -7.64 -2.15 -16.08
C ASN B 327 -7.03 -3.05 -15.02
N VAL B 328 -7.82 -3.34 -13.98
CA VAL B 328 -7.36 -4.11 -12.83
C VAL B 328 -8.13 -5.41 -12.66
N GLU B 329 -8.76 -5.90 -13.72
CA GLU B 329 -9.59 -7.09 -13.58
C GLU B 329 -8.76 -8.32 -13.20
N LEU B 330 -7.48 -8.34 -13.55
CA LEU B 330 -6.63 -9.49 -13.22
C LEU B 330 -6.29 -9.57 -11.75
N ALA B 331 -6.59 -8.53 -10.96
CA ALA B 331 -6.28 -8.57 -9.54
C ALA B 331 -7.13 -9.60 -8.80
N LYS B 332 -8.35 -9.85 -9.27
CA LYS B 332 -9.25 -10.77 -8.58
C LYS B 332 -8.65 -12.18 -8.56
N THR B 333 -8.48 -12.78 -9.74
CA THR B 333 -7.92 -14.14 -9.80
C THR B 333 -6.50 -14.18 -9.25
N GLY B 334 -5.75 -13.09 -9.42
CA GLY B 334 -4.38 -13.06 -8.96
C GLY B 334 -4.20 -12.80 -7.48
N GLY B 335 -5.24 -12.39 -6.78
CA GLY B 335 -5.09 -12.02 -5.39
C GLY B 335 -4.16 -10.83 -5.20
N LEU B 336 -4.19 -9.89 -6.12
CA LEU B 336 -3.33 -8.71 -6.08
C LEU B 336 -4.09 -7.54 -5.47
N GLU B 337 -3.40 -6.77 -4.64
CA GLU B 337 -4.03 -5.66 -3.95
C GLU B 337 -4.27 -4.50 -4.91
N ILE B 338 -5.45 -3.87 -4.77
CA ILE B 338 -5.81 -2.67 -5.51
C ILE B 338 -5.75 -1.49 -4.55
N ASP B 339 -5.42 -0.32 -5.09
CA ASP B 339 -5.41 0.90 -4.29
C ASP B 339 -6.77 1.56 -4.38
N SER B 340 -7.45 1.67 -3.24
CA SER B 340 -8.81 2.22 -3.22
C SER B 340 -8.84 3.73 -3.40
N ASP B 341 -7.74 4.42 -3.15
CA ASP B 341 -7.69 5.87 -3.28
C ASP B 341 -7.38 6.30 -4.71
N PHE B 342 -6.28 5.81 -5.26
CA PHE B 342 -5.84 6.19 -6.59
C PHE B 342 -6.26 5.21 -7.68
N GLY B 343 -6.77 4.04 -7.29
CA GLY B 343 -7.05 2.99 -8.26
C GLY B 343 -5.77 2.32 -8.74
N GLY B 344 -5.91 1.23 -9.47
CA GLY B 344 -4.77 0.53 -10.02
C GLY B 344 -4.19 -0.50 -9.06
N PHE B 345 -3.25 -1.27 -9.59
CA PHE B 345 -2.52 -2.24 -8.77
C PHE B 345 -1.59 -1.52 -7.81
N ARG B 346 -1.64 -1.88 -6.54
CA ARG B 346 -0.75 -1.29 -5.54
C ARG B 346 0.59 -2.01 -5.57
N VAL B 347 1.65 -1.26 -5.89
CA VAL B 347 3.02 -1.79 -5.93
C VAL B 347 3.91 -0.86 -5.12
N ASN B 348 5.12 -1.32 -4.85
CA ASN B 348 6.05 -0.58 -4.01
C ASN B 348 6.90 0.35 -4.88
N ALA B 349 7.93 0.95 -4.29
CA ALA B 349 8.75 1.92 -5.01
C ALA B 349 9.46 1.30 -6.21
N GLU B 350 9.69 0.00 -6.19
CA GLU B 350 10.32 -0.71 -7.29
C GLU B 350 9.31 -1.22 -8.31
N LEU B 351 8.05 -0.80 -8.20
CA LEU B 351 6.97 -1.23 -9.09
C LEU B 351 6.64 -2.70 -8.95
N GLN B 352 7.02 -3.32 -7.85
CA GLN B 352 6.83 -4.74 -7.65
C GLN B 352 5.55 -4.99 -6.84
N ALA B 353 4.76 -5.98 -7.28
CA ALA B 353 3.58 -6.43 -6.56
C ALA B 353 3.86 -7.68 -5.74
N ARG B 354 4.46 -8.69 -6.38
CA ARG B 354 4.84 -9.94 -5.73
C ARG B 354 6.22 -10.34 -6.23
N SER B 355 6.70 -11.49 -5.75
CA SER B 355 8.10 -11.86 -5.97
C SER B 355 8.50 -11.78 -7.44
N ASN B 356 7.62 -12.19 -8.35
CA ASN B 356 7.94 -12.26 -9.77
C ASN B 356 6.96 -11.47 -10.62
N ILE B 357 6.32 -10.45 -10.04
CA ILE B 357 5.30 -9.68 -10.74
C ILE B 357 5.53 -8.19 -10.46
N TRP B 358 5.64 -7.41 -11.52
CA TRP B 358 5.72 -5.96 -11.46
C TRP B 358 4.55 -5.35 -12.22
N VAL B 359 4.29 -4.07 -11.96
CA VAL B 359 3.25 -3.32 -12.66
C VAL B 359 3.83 -1.97 -13.05
N ALA B 360 3.49 -1.52 -14.26
CA ALA B 360 4.00 -0.26 -14.80
C ALA B 360 2.92 0.44 -15.61
N GLY B 361 3.14 1.72 -15.88
CA GLY B 361 2.23 2.46 -16.74
C GLY B 361 1.03 3.00 -15.99
N ASP B 362 -0.06 3.20 -16.75
CA ASP B 362 -1.26 3.81 -16.19
C ASP B 362 -1.86 2.98 -15.06
N ALA B 363 -1.64 1.66 -15.07
CA ALA B 363 -2.28 0.76 -14.13
C ALA B 363 -1.55 0.63 -12.80
N ALA B 364 -0.38 1.26 -12.64
CA ALA B 364 0.48 1.04 -11.49
C ALA B 364 0.31 2.17 -10.49
N CYS B 365 -0.26 1.85 -9.32
CA CYS B 365 -0.21 2.74 -8.17
C CYS B 365 1.03 2.37 -7.37
N PHE B 366 2.04 3.24 -7.41
CA PHE B 366 3.35 2.96 -6.86
C PHE B 366 3.66 3.95 -5.74
N TYR B 367 4.67 3.61 -4.95
CA TYR B 367 5.14 4.48 -3.88
C TYR B 367 6.30 5.32 -4.40
N ASP B 368 6.11 6.63 -4.44
CA ASP B 368 7.17 7.58 -4.78
C ASP B 368 7.85 7.99 -3.48
N ILE B 369 9.10 7.58 -3.30
CA ILE B 369 9.80 7.84 -2.04
C ILE B 369 9.92 9.33 -1.76
N LYS B 370 9.82 10.17 -2.79
CA LYS B 370 9.92 11.62 -2.61
C LYS B 370 8.58 12.32 -2.59
N LEU B 371 7.59 11.82 -3.34
CA LEU B 371 6.31 12.51 -3.48
C LEU B 371 5.13 11.75 -2.88
N GLY B 372 5.32 10.51 -2.44
CA GLY B 372 4.25 9.71 -1.85
C GLY B 372 3.62 8.78 -2.85
N ARG B 373 2.59 8.07 -2.39
CA ARG B 373 1.89 7.12 -3.23
C ARG B 373 1.10 7.85 -4.31
N ARG B 374 1.23 7.39 -5.56
CA ARG B 374 0.63 8.06 -6.70
C ARG B 374 0.23 7.03 -7.75
N ARG B 375 -0.55 7.48 -8.72
CA ARG B 375 -0.73 6.77 -9.98
C ARG B 375 -0.73 7.80 -11.10
N VAL B 376 0.13 7.60 -12.09
CA VAL B 376 0.37 8.57 -13.15
C VAL B 376 -0.09 7.98 -14.48
N GLU B 377 -0.69 8.82 -15.32
CA GLU B 377 -1.20 8.38 -16.62
C GLU B 377 -0.57 9.16 -17.76
N HIS B 378 0.77 9.26 -17.78
CA HIS B 378 1.49 9.99 -18.81
C HIS B 378 2.29 9.03 -19.69
N HIS B 379 2.53 9.48 -20.92
CA HIS B 379 3.30 8.69 -21.87
C HIS B 379 4.72 8.44 -21.37
N ASP B 380 5.42 9.52 -20.99
CA ASP B 380 6.79 9.36 -20.53
C ASP B 380 6.86 8.57 -19.23
N HIS B 381 5.79 8.60 -18.44
CA HIS B 381 5.75 7.75 -17.24
C HIS B 381 5.67 6.29 -17.62
N ALA B 382 4.86 5.95 -18.64
CA ALA B 382 4.83 4.58 -19.11
C ALA B 382 6.20 4.14 -19.60
N VAL B 383 6.92 5.02 -20.29
CA VAL B 383 8.27 4.71 -20.75
C VAL B 383 9.20 4.51 -19.56
N VAL B 384 9.20 5.47 -18.62
CA VAL B 384 10.13 5.42 -17.50
C VAL B 384 9.79 4.24 -16.58
N SER B 385 8.52 4.12 -16.21
CA SER B 385 8.12 3.04 -15.31
C SER B 385 8.29 1.67 -15.99
N GLY B 386 8.00 1.59 -17.29
CA GLY B 386 8.24 0.35 -18.01
C GLY B 386 9.71 -0.01 -18.06
N ARG B 387 10.55 0.97 -18.39
CA ARG B 387 12.00 0.73 -18.39
C ARG B 387 12.47 0.28 -17.01
N LEU B 388 12.01 0.96 -15.96
CA LEU B 388 12.40 0.59 -14.60
C LEU B 388 11.99 -0.83 -14.27
N ALA B 389 10.75 -1.20 -14.63
CA ALA B 389 10.28 -2.56 -14.36
C ALA B 389 11.17 -3.58 -15.04
N GLY B 390 11.48 -3.37 -16.32
CA GLY B 390 12.34 -4.29 -17.02
C GLY B 390 13.69 -4.45 -16.35
N GLU B 391 14.26 -3.34 -15.87
CA GLU B 391 15.53 -3.42 -15.15
C GLU B 391 15.39 -4.24 -13.87
N ASN B 392 14.31 -4.02 -13.11
CA ASN B 392 14.12 -4.76 -11.88
C ASN B 392 13.76 -6.22 -12.15
N MET B 393 13.14 -6.50 -13.29
CA MET B 393 12.92 -7.88 -13.71
C MET B 393 14.22 -8.57 -14.09
N THR B 394 15.31 -7.82 -14.24
CA THR B 394 16.63 -8.38 -14.48
C THR B 394 17.58 -8.09 -13.32
N GLY B 395 17.05 -7.85 -12.13
CA GLY B 395 17.84 -7.80 -10.91
C GLY B 395 18.30 -6.44 -10.46
N ALA B 396 17.74 -5.36 -11.00
CA ALA B 396 18.27 -4.03 -10.68
C ALA B 396 17.89 -3.60 -9.26
N ALA B 397 16.67 -3.89 -8.83
CA ALA B 397 16.19 -3.51 -7.49
C ALA B 397 16.27 -2.00 -7.30
N LYS B 398 15.81 -1.24 -8.30
CA LYS B 398 15.88 0.21 -8.28
C LYS B 398 14.52 0.82 -8.01
N PRO B 399 14.43 1.84 -7.16
CA PRO B 399 13.14 2.51 -6.94
C PRO B 399 12.86 3.56 -7.99
N TYR B 400 11.59 3.88 -8.15
CA TYR B 400 11.20 5.01 -8.99
C TYR B 400 11.84 6.28 -8.45
N TRP B 401 12.72 6.88 -9.24
CA TRP B 401 13.53 7.99 -8.76
C TRP B 401 13.57 9.12 -9.79
N HIS B 402 13.86 8.77 -11.04
CA HIS B 402 13.80 9.73 -12.14
C HIS B 402 12.35 10.06 -12.43
N GLN B 403 11.95 11.30 -12.15
CA GLN B 403 10.57 11.70 -12.37
C GLN B 403 10.28 11.81 -13.87
N SER B 404 9.13 11.28 -14.28
CA SER B 404 8.70 11.37 -15.66
C SER B 404 8.09 12.74 -15.94
N MET B 405 8.13 13.14 -17.20
CA MET B 405 7.57 14.41 -17.64
C MET B 405 6.22 14.19 -18.32
N PHE B 406 5.47 15.28 -18.43
CA PHE B 406 4.24 15.32 -19.20
C PHE B 406 4.29 16.51 -20.13
N TRP B 407 3.55 16.43 -21.23
CA TRP B 407 3.51 17.53 -22.20
C TRP B 407 2.16 17.54 -22.88
N SER B 408 1.79 18.71 -23.40
CA SER B 408 0.60 18.86 -24.19
C SER B 408 0.80 20.01 -25.17
N ASP B 409 0.40 19.80 -26.42
CA ASP B 409 0.40 20.84 -27.44
C ASP B 409 -1.05 21.16 -27.78
N LEU B 410 -1.45 22.42 -27.58
CA LEU B 410 -2.80 22.89 -27.87
C LEU B 410 -2.67 23.88 -29.03
N GLY B 411 -2.49 23.33 -30.23
CA GLY B 411 -2.21 24.12 -31.40
C GLY B 411 -0.71 24.29 -31.56
N PRO B 412 -0.30 25.13 -32.50
CA PRO B 412 1.13 25.39 -32.70
C PRO B 412 1.70 26.51 -31.85
N ASP B 413 0.86 27.27 -31.15
CA ASP B 413 1.29 28.42 -30.38
C ASP B 413 1.23 28.20 -28.87
N VAL B 414 0.73 27.06 -28.40
CA VAL B 414 0.61 26.78 -26.98
C VAL B 414 1.26 25.43 -26.71
N GLY B 415 2.37 25.44 -25.98
CA GLY B 415 3.00 24.20 -25.54
C GLY B 415 3.16 24.15 -24.03
N TYR B 416 2.78 23.03 -23.42
CA TYR B 416 2.90 22.82 -21.99
C TYR B 416 3.79 21.62 -21.71
N GLU B 417 4.64 21.77 -20.70
CA GLU B 417 5.40 20.66 -20.14
C GLU B 417 5.27 20.71 -18.62
N ALA B 418 5.22 19.54 -17.99
CA ALA B 418 4.98 19.50 -16.55
C ALA B 418 5.65 18.27 -15.96
N ILE B 419 5.83 18.31 -14.64
CA ILE B 419 6.54 17.26 -13.93
C ILE B 419 6.15 17.34 -12.46
N GLY B 420 6.00 16.18 -11.83
CA GLY B 420 5.68 16.12 -10.42
C GLY B 420 4.20 16.18 -10.14
N LEU B 421 3.83 16.70 -8.96
CA LEU B 421 2.44 16.78 -8.54
C LEU B 421 1.85 18.08 -9.07
N VAL B 422 0.99 17.96 -10.07
CA VAL B 422 0.38 19.11 -10.73
C VAL B 422 -1.13 19.01 -10.53
N ASP B 423 -1.67 19.91 -9.73
CA ASP B 423 -3.09 19.86 -9.35
C ASP B 423 -3.50 21.26 -8.95
N SER B 424 -4.55 21.79 -9.58
CA SER B 424 -4.96 23.17 -9.33
C SER B 424 -5.41 23.39 -7.90
N SER B 425 -5.67 22.33 -7.14
CA SER B 425 -6.05 22.48 -5.74
C SER B 425 -4.86 22.79 -4.85
N LEU B 426 -3.64 22.52 -5.32
CA LEU B 426 -2.45 22.89 -4.56
C LEU B 426 -2.18 24.39 -4.69
N PRO B 427 -1.57 25.01 -3.68
CA PRO B 427 -1.16 26.41 -3.85
C PRO B 427 -0.11 26.53 -4.94
N THR B 428 -0.20 27.61 -5.71
CA THR B 428 0.68 27.81 -6.86
C THR B 428 1.27 29.22 -6.83
N VAL B 429 2.46 29.32 -7.43
CA VAL B 429 3.11 30.60 -7.69
C VAL B 429 3.55 30.60 -9.15
N GLY B 430 3.05 31.55 -9.91
CA GLY B 430 3.33 31.64 -11.34
C GLY B 430 4.19 32.86 -11.65
N VAL B 431 5.17 32.66 -12.51
CA VAL B 431 6.06 33.72 -12.97
C VAL B 431 6.06 33.71 -14.49
N PHE B 432 5.74 34.84 -15.09
CA PHE B 432 5.53 34.93 -16.53
C PHE B 432 6.34 36.09 -17.11
N ALA B 433 6.53 36.04 -18.42
CA ALA B 433 7.29 37.05 -19.14
C ALA B 433 6.85 37.03 -20.59
N LYS B 434 7.58 37.73 -21.45
CA LYS B 434 7.31 37.74 -22.88
C LYS B 434 8.27 36.81 -23.62
N GLY B 485 3.52 35.51 -22.63
CA GLY B 485 3.82 34.56 -23.68
C GLY B 485 4.42 33.26 -23.17
N LYS B 486 5.14 33.35 -22.05
CA LYS B 486 5.77 32.17 -21.46
C LYS B 486 5.80 32.35 -19.95
N GLY B 487 6.01 31.25 -19.25
CA GLY B 487 6.11 31.31 -17.80
C GLY B 487 6.24 29.94 -17.19
N VAL B 488 6.38 29.94 -15.87
CA VAL B 488 6.51 28.73 -15.08
C VAL B 488 5.57 28.83 -13.88
N ILE B 489 4.94 27.70 -13.54
CA ILE B 489 4.04 27.64 -12.39
C ILE B 489 4.59 26.61 -11.43
N PHE B 490 4.81 27.01 -10.19
CA PHE B 490 5.31 26.14 -9.14
C PHE B 490 4.14 25.66 -8.29
N TYR B 491 4.06 24.36 -8.07
CA TYR B 491 3.07 23.76 -7.20
C TYR B 491 3.74 23.39 -5.88
N LEU B 492 3.17 23.85 -4.78
CA LEU B 492 3.83 23.84 -3.49
C LEU B 492 3.15 22.89 -2.51
N ARG B 493 3.95 22.32 -1.61
CA ARG B 493 3.45 21.50 -0.51
C ARG B 493 4.56 21.41 0.53
N ASP B 494 4.23 21.69 1.79
CA ASP B 494 5.21 21.68 2.88
C ASP B 494 6.33 22.67 2.61
N LYS B 495 5.99 23.82 2.01
CA LYS B 495 6.94 24.87 1.69
C LYS B 495 7.97 24.44 0.65
N VAL B 496 7.65 23.42 -0.15
CA VAL B 496 8.58 22.85 -1.10
C VAL B 496 7.88 22.69 -2.44
N VAL B 497 8.64 22.83 -3.52
CA VAL B 497 8.10 22.65 -4.87
C VAL B 497 7.92 21.16 -5.12
N VAL B 498 6.69 20.75 -5.37
CA VAL B 498 6.39 19.35 -5.69
C VAL B 498 5.95 19.18 -7.14
N GLY B 499 5.66 20.26 -7.85
CA GLY B 499 5.28 20.16 -9.25
C GLY B 499 5.59 21.44 -9.97
N ILE B 500 5.86 21.32 -11.27
CA ILE B 500 6.19 22.47 -12.11
C ILE B 500 5.46 22.31 -13.45
N VAL B 501 4.90 23.41 -13.93
CA VAL B 501 4.35 23.50 -15.27
C VAL B 501 5.14 24.55 -16.03
N LEU B 502 5.65 24.18 -17.20
CA LEU B 502 6.35 25.10 -18.08
C LEU B 502 5.43 25.45 -19.24
N TRP B 503 5.16 26.74 -19.41
CA TRP B 503 4.28 27.24 -20.46
C TRP B 503 5.16 27.87 -21.54
N ASN B 504 5.30 27.19 -22.66
CA ASN B 504 6.09 27.68 -23.80
C ASN B 504 7.56 27.84 -23.43
N ILE B 505 8.06 26.93 -22.60
CA ILE B 505 9.48 26.87 -22.24
C ILE B 505 9.93 25.43 -22.44
N PHE B 506 10.88 25.23 -23.35
CA PHE B 506 11.27 23.90 -23.79
C PHE B 506 12.75 23.65 -23.50
N ASN B 507 13.11 22.37 -23.46
CA ASN B 507 14.49 21.94 -23.25
C ASN B 507 15.01 22.33 -21.88
N ARG B 508 14.11 22.40 -20.89
CA ARG B 508 14.51 22.71 -19.52
C ARG B 508 13.83 21.81 -18.51
N MET B 509 13.30 20.68 -18.95
CA MET B 509 12.71 19.73 -18.01
C MET B 509 13.74 19.19 -17.02
N PRO B 510 14.98 18.92 -17.40
CA PRO B 510 15.97 18.49 -16.38
C PRO B 510 16.13 19.49 -15.26
N ILE B 511 15.98 20.79 -15.54
CA ILE B 511 16.07 21.80 -14.50
C ILE B 511 14.89 21.67 -13.54
N ALA B 512 13.67 21.59 -14.09
CA ALA B 512 12.50 21.39 -13.24
C ALA B 512 12.62 20.11 -12.45
N ARG B 513 13.16 19.05 -13.06
CA ARG B 513 13.33 17.79 -12.34
C ARG B 513 14.28 17.95 -11.16
N LYS B 514 15.35 18.74 -11.32
CA LYS B 514 16.31 18.91 -10.24
C LYS B 514 15.73 19.74 -9.10
N ILE B 515 14.93 20.76 -9.43
CA ILE B 515 14.33 21.58 -8.39
C ILE B 515 13.45 20.71 -7.48
N ILE B 516 12.65 19.85 -8.08
CA ILE B 516 11.76 18.99 -7.31
C ILE B 516 12.57 17.96 -6.51
N LYS B 517 13.68 17.48 -7.09
CA LYS B 517 14.49 16.49 -6.39
C LYS B 517 15.19 17.10 -5.18
N ASP B 518 15.75 18.30 -5.32
CA ASP B 518 16.52 18.89 -4.22
C ASP B 518 15.63 19.18 -3.02
N GLY B 519 14.38 19.52 -3.25
CA GLY B 519 13.43 19.75 -2.16
C GLY B 519 13.86 20.83 -1.18
N GLU B 520 14.38 21.95 -1.68
CA GLU B 520 14.81 23.04 -0.83
C GLU B 520 13.70 24.07 -0.69
N GLN B 521 13.65 24.72 0.47
CA GLN B 521 12.66 25.75 0.75
C GLN B 521 13.16 27.07 0.20
N HIS B 522 12.70 27.43 -0.98
CA HIS B 522 13.17 28.63 -1.66
C HIS B 522 12.58 29.88 -1.03
N GLU B 523 13.44 30.88 -0.80
CA GLU B 523 13.00 32.16 -0.25
C GLU B 523 12.40 33.09 -1.30
N ASP B 524 12.61 32.80 -2.58
CA ASP B 524 12.07 33.67 -3.63
C ASP B 524 11.97 32.85 -4.91
N LEU B 525 10.74 32.55 -5.33
CA LEU B 525 10.54 31.75 -6.53
C LEU B 525 10.81 32.53 -7.81
N ASN B 526 10.86 33.86 -7.74
CA ASN B 526 11.26 34.64 -8.90
C ASN B 526 12.72 34.36 -9.27
N GLU B 527 13.58 34.20 -8.27
CA GLU B 527 14.95 33.79 -8.54
C GLU B 527 15.00 32.41 -9.17
N VAL B 528 14.18 31.48 -8.66
CA VAL B 528 14.11 30.15 -9.25
C VAL B 528 13.62 30.24 -10.68
N ALA B 529 12.72 31.17 -10.97
CA ALA B 529 12.19 31.32 -12.32
C ALA B 529 13.27 31.69 -13.31
N LYS B 530 14.33 32.36 -12.85
CA LYS B 530 15.43 32.70 -13.74
C LYS B 530 16.14 31.46 -14.28
N LEU B 531 16.03 30.33 -13.58
CA LEU B 531 16.58 29.08 -14.10
C LEU B 531 15.88 28.66 -15.40
N PHE B 532 14.67 29.15 -15.64
CA PHE B 532 13.94 28.88 -16.87
C PHE B 532 13.96 30.07 -17.83
N ASN B 533 14.92 30.97 -17.66
CA ASN B 533 15.08 32.14 -18.53
C ASN B 533 13.84 33.04 -18.48
N ILE B 534 13.29 33.18 -17.28
CA ILE B 534 12.17 34.09 -17.04
C ILE B 534 12.70 35.23 -16.17
N HIS B 535 12.70 36.43 -16.73
CA HIS B 535 13.22 37.61 -16.03
C HIS B 535 12.20 38.75 -16.06
PA FAD C . 8.84 -7.33 20.10
O1A FAD C . 8.64 -8.65 20.86
O2A FAD C . 8.35 -6.12 20.78
O5B FAD C . 10.36 -7.22 19.71
C5B FAD C . 10.90 -6.01 19.13
C4B FAD C . 12.26 -5.81 19.75
O4B FAD C . 13.00 -4.95 18.85
C3B FAD C . 12.14 -5.03 21.06
O3B FAD C . 13.22 -5.48 21.87
C2B FAD C . 12.50 -3.60 20.64
O2B FAD C . 13.21 -3.02 21.73
C1B FAD C . 13.58 -3.92 19.61
N9A FAD C . 13.82 -2.80 18.69
C8A FAD C . 12.91 -1.88 18.25
N7A FAD C . 13.42 -0.99 17.43
C5A FAD C . 14.76 -1.34 17.34
C6A FAD C . 15.85 -0.80 16.63
N6A FAD C . 15.76 0.28 15.85
N1A FAD C . 17.05 -1.41 16.77
C2A FAD C . 17.15 -2.48 17.55
N3A FAD C . 16.19 -3.08 18.26
C4A FAD C . 15.01 -2.47 18.11
N1 FAD C . 0.14 -12.01 22.48
C2 FAD C . -0.66 -13.07 22.47
O2 FAD C . -1.06 -13.55 21.45
N3 FAD C . -1.08 -13.72 23.67
C4 FAD C . -0.67 -13.25 24.90
O4 FAD C . -1.05 -13.81 25.90
C4X FAD C . 0.20 -12.08 24.91
N5 FAD C . 0.59 -11.62 26.07
C5X FAD C . 1.42 -10.52 26.04
C6 FAD C . 1.89 -9.95 27.33
C7 FAD C . 2.72 -8.85 27.36
C7M FAD C . 3.18 -8.32 28.70
C8 FAD C . 3.14 -8.20 26.15
C8M FAD C . 4.04 -6.99 26.18
C9 FAD C . 2.73 -8.69 24.91
C9A FAD C . 1.83 -9.88 24.83
N10 FAD C . 1.35 -10.45 23.61
C10 FAD C . 0.56 -11.52 23.64
C1' FAD C . 1.78 -9.83 22.34
C2' FAD C . 3.09 -10.46 21.81
O2' FAD C . 4.01 -10.55 22.89
C3' FAD C . 3.64 -9.51 20.75
O3' FAD C . 2.76 -9.58 19.63
C4' FAD C . 5.04 -9.97 20.30
O4' FAD C . 6.04 -9.70 21.29
C5' FAD C . 5.39 -9.26 19.01
O5' FAD C . 6.83 -9.66 18.58
P FAD C . 7.71 -8.74 17.76
O1P FAD C . 6.79 -8.16 16.68
O2P FAD C . 8.90 -9.43 17.25
O3P FAD C . 8.15 -7.51 18.68
H51A FAD C . 10.31 -5.24 19.24
H52A FAD C . 10.92 -6.02 18.17
H4B FAD C . 12.75 -6.64 19.88
H3B FAD C . 11.25 -5.08 21.45
HO3A FAD C . 13.18 -6.32 22.02
H2B FAD C . 11.75 -3.09 20.29
HO2A FAD C . 13.13 -2.18 21.74
H1B FAD C . 14.41 -4.19 20.02
H8A FAD C . 12.01 -1.88 18.50
H61A FAD C . 16.19 1.05 15.88
H62A FAD C . 15.17 0.19 15.18
H2A FAD C . 17.99 -2.86 17.61
HN3 FAD C . -1.59 -14.40 23.64
H6 FAD C . 1.65 -10.33 28.13
HM71 FAD C . 3.89 -7.65 28.74
HM72 FAD C . 2.55 -7.84 29.28
HM73 FAD C . 3.54 -8.91 29.37
HM81 FAD C . 3.95 -6.32 26.87
HM82 FAD C . 4.06 -6.37 25.44
HM83 FAD C . 5.00 -7.08 26.26
H9 FAD C . 3.00 -8.27 24.12
H1'1 FAD C . 1.85 -8.86 22.43
H1'2 FAD C . 1.07 -9.86 21.68
H2' FAD C . 2.93 -11.34 21.43
HO2' FAD C . 4.29 -11.37 22.93
H3' FAD C . 3.72 -8.61 21.11
H4' FAD C . 5.03 -10.93 20.17
HO4' FAD C . 5.77 -9.95 22.07
H5'1 FAD C . 5.27 -8.30 19.08
H5'2 FAD C . 4.73 -9.43 18.32
C02 QDI D . -2.60 -10.53 25.66
C03 QDI D . -1.89 -9.77 26.57
C04 QDI D . -1.21 -8.61 26.10
C06 QDI D . -1.91 -8.94 23.90
C07 QDI D . -1.93 -8.53 22.53
C08 QDI D . -2.61 -9.24 21.58
C09 QDI D . -3.32 -10.42 21.94
C11 QDI D . -3.32 -10.84 23.26
C12 QDI D . -2.62 -10.11 24.27
F10 QDI D . -3.97 -11.08 21.03
N01 QDI D . -3.29 -11.69 26.05
N05 QDI D . -1.20 -8.19 24.84
H031 QDI D . -1.83 -10.02 27.63
H041 QDI D . -0.65 -8.00 26.84
H071 QDI D . -1.40 -7.63 22.20
H081 QDI D . -2.66 -8.97 20.51
H111 QDI D . -3.87 -11.74 23.48
H011 QDI D . -3.18 -12.55 25.57
H012 QDI D . -3.91 -11.70 26.84
C1 EDO E . 2.82 -3.20 -0.14
O1 EDO E . 4.25 -3.26 -0.05
C2 EDO E . 2.42 -2.04 -1.05
O2 EDO E . 2.95 -2.27 -2.36
H11 EDO E . 2.39 -3.06 0.85
H12 EDO E . 2.44 -4.14 -0.55
HO1 EDO E . 4.51 -4.06 0.40
H21 EDO E . 2.81 -1.10 -0.65
H22 EDO E . 1.33 -1.96 -1.10
HO2 EDO E . 2.69 -1.55 -2.94
CL CL F . -9.04 7.04 29.17
PA FAD G . -1.72 1.47 -22.78
O1A FAD G . -0.91 2.32 -23.76
O2A FAD G . -3.16 1.76 -22.71
O5B FAD G . -1.47 -0.05 -23.14
C5B FAD G . -2.25 -1.10 -22.53
C4B FAD G . -2.55 -2.11 -23.60
O4B FAD G . -2.83 -3.36 -22.94
C3B FAD G . -3.84 -1.74 -24.33
O3B FAD G . -3.72 -2.25 -25.65
C2B FAD G . -4.89 -2.61 -23.64
O2B FAD G . -5.83 -2.98 -24.63
C1B FAD G . -4.05 -3.86 -23.43
N9A FAD G . -4.59 -4.74 -22.39
C8A FAD G . -5.34 -4.38 -21.30
N7A FAD G . -5.70 -5.39 -20.53
C5A FAD G . -5.14 -6.49 -21.18
C6A FAD G . -5.16 -7.87 -20.88
N6A FAD G . -5.77 -8.40 -19.82
N1A FAD G . -4.51 -8.70 -21.73
C2A FAD G . -3.89 -8.18 -22.79
N3A FAD G . -3.82 -6.90 -23.17
C4A FAD G . -4.47 -6.10 -22.32
N1 FAD G . 0.48 11.42 -22.39
C2 FAD G . 1.34 12.42 -22.38
O2 FAD G . 2.16 12.56 -21.51
N3 FAD G . 1.37 13.40 -23.41
C4 FAD G . 0.48 13.34 -24.47
O4 FAD G . 0.52 14.19 -25.34
C4X FAD G . -0.48 12.24 -24.47
N5 FAD G . -1.34 12.17 -25.45
C5X FAD G . -2.22 11.11 -25.42
C6 FAD G . -3.21 10.98 -26.51
C7 FAD G . -4.13 9.95 -26.54
C7M FAD G . -5.11 9.87 -27.67
C8 FAD G . -4.15 8.96 -25.48
C8M FAD G . -5.13 7.82 -25.47
C9 FAD G . -3.23 9.04 -24.42
C9A FAD G . -2.23 10.14 -24.38
N10 FAD G . -1.27 10.29 -23.34
C10 FAD G . -0.40 11.31 -23.37
C1' FAD G . -1.25 9.29 -22.25
C2' FAD G . -0.29 8.13 -22.62
O2' FAD G . -0.59 7.69 -23.94
C3' FAD G . -0.55 6.97 -21.65
O3' FAD G . -0.03 7.37 -20.38
C4' FAD G . 0.19 5.71 -22.10
O4' FAD G . -0.32 5.22 -23.34
C5' FAD G . 0.03 4.66 -21.02
O5' FAD G . 0.79 3.35 -21.42
P FAD G . 0.40 2.02 -20.80
O1P FAD G . 1.40 1.03 -21.41
O2P FAD G . 0.40 2.04 -19.33
O3P FAD G . -1.03 1.61 -21.35
H51A FAD G . -3.03 -0.77 -22.07
H52A FAD G . -1.81 -1.49 -21.76
H4B FAD G . -1.82 -2.23 -24.23
H3B FAD G . -4.05 -0.78 -24.25
HO3A FAD G . -3.15 -2.89 -25.70
H2B FAD G . -5.25 -2.22 -22.82
HO2A FAD G . -5.48 -3.02 -25.40
H1B FAD G . -3.94 -4.37 -24.24
H8A FAD G . -5.57 -3.50 -21.10
H61A FAD G . -6.63 -8.39 -19.58
H62A FAD G . -5.22 -8.82 -19.26
H2A FAD G . -3.46 -8.79 -23.35
HN3 FAD G . 1.94 14.04 -23.41
H6 FAD G . -3.24 11.59 -27.21
HM71 FAD G . -5.77 9.16 -27.70
HM72 FAD G . -5.73 10.60 -27.84
HM73 FAD G . -4.80 9.77 -28.58
HM81 FAD G . -5.51 7.47 -26.29
HM82 FAD G . -4.90 6.95 -25.11
HM83 FAD G . -5.98 7.88 -25.01
H9 FAD G . -3.25 8.40 -23.75
H1'1 FAD G . -2.13 8.98 -22.03
H1'2 FAD G . -1.01 9.69 -21.40
H2' FAD G . 0.63 8.41 -22.56
HO2' FAD G . 0.14 7.58 -24.36
H3' FAD G . -1.50 6.79 -21.61
H4' FAD G . 1.12 5.92 -22.25
HO4' FAD G . -0.84 4.56 -23.23
H5'1 FAD G . -0.90 4.49 -20.82
H5'2 FAD G . 0.32 4.99 -20.16
C1 EDO H . 13.06 5.39 -12.44
O1 EDO H . 12.41 6.64 -12.18
C2 EDO H . 14.56 5.59 -12.64
O2 EDO H . 15.12 6.26 -11.50
H11 EDO H . 12.63 4.93 -13.34
H12 EDO H . 12.90 4.70 -11.60
HO1 EDO H . 11.46 6.48 -12.06
H21 EDO H . 14.73 6.19 -13.54
H22 EDO H . 15.05 4.63 -12.79
HO2 EDO H . 16.07 6.38 -11.64
#